data_7DZ5
#
_entry.id   7DZ5
#
_cell.length_a   63.143
_cell.length_b   87.934
_cell.length_c   128.928
_cell.angle_alpha   90.000
_cell.angle_beta   99.579
_cell.angle_gamma   90.000
#
_symmetry.space_group_name_H-M   'P 1 21 1'
#
loop_
_entity.id
_entity.type
_entity.pdbx_description
1 polymer 'D-tagatose 3-epimerase'
2 non-polymer D-sorbose
3 non-polymer alpha-D-Sorbopyranose
4 non-polymer 'MAGNESIUM ION'
5 water water
#
_entity_poly.entity_id   1
_entity_poly.type   'polypeptide(L)'
_entity_poly.pdbx_seq_one_letter_code
;TMQGFGVHTSMWTMNWDRPGAERAVAAALKYEVDFIEIPMLNPPAVDTEHTRALLEKNELRALCSLGLPERAWASVRPDA
AIEHLKVAIDKTADLGGEALSGVIYGGIGERTGVPPTEAEYDNIARVLSAAAKHAKSRGIELGVEAVNRYENHLINTGWQ
AVQMIERVGADNIFVHLDTYHMNIEEKGVGNGILDAREHLKYIHLSESDRGTPGYGTCGWDEIFSTLAAIGFKGGLAMES
FINMPPEVAYGLAVWRPVAKDEEEVMGNGLPFLRNKAKQYGLI
;
_entity_poly.pdbx_strand_id   A,B,C,D
#
loop_
_chem_comp.id
_chem_comp.type
_chem_comp.name
_chem_comp.formula
HVC D-saccharide, alpha linking alpha-D-Sorbopyranose 'C6 H12 O6'
MG non-polymer 'MAGNESIUM ION' 'Mg 2'
SDD D-saccharide D-sorbose 'C6 H12 O6'
#
# COMPACT_ATOMS: atom_id res chain seq x y z
N THR A 1 -9.60 1.11 -30.71
CA THR A 1 -9.29 1.11 -29.29
C THR A 1 -10.14 0.08 -28.54
N MET A 2 -9.51 -0.96 -28.01
CA MET A 2 -10.24 -1.92 -27.19
C MET A 2 -10.88 -1.19 -26.03
N GLN A 3 -11.99 -1.72 -25.55
CA GLN A 3 -12.75 -1.10 -24.48
C GLN A 3 -13.14 -2.18 -23.49
N GLY A 4 -13.18 -1.80 -22.22
CA GLY A 4 -13.68 -2.69 -21.20
C GLY A 4 -12.63 -3.70 -20.75
N PHE A 5 -13.14 -4.84 -20.29
CA PHE A 5 -12.35 -5.92 -19.73
C PHE A 5 -12.19 -7.05 -20.72
N GLY A 6 -10.99 -7.61 -20.74
CA GLY A 6 -10.74 -8.78 -21.52
C GLY A 6 -9.77 -9.67 -20.79
N VAL A 7 -9.35 -10.71 -21.48
CA VAL A 7 -8.46 -11.72 -20.93
C VAL A 7 -7.47 -12.13 -22.00
N HIS A 8 -6.21 -12.29 -21.60
CA HIS A 8 -5.26 -13.00 -22.43
C HIS A 8 -5.59 -14.49 -22.36
N THR A 9 -5.77 -15.13 -23.51
CA THR A 9 -6.34 -16.48 -23.51
C THR A 9 -5.36 -17.57 -23.10
N SER A 10 -4.14 -17.23 -22.66
CA SER A 10 -3.14 -18.24 -22.32
C SER A 10 -3.65 -19.25 -21.30
N MET A 11 -4.60 -18.87 -20.46
CA MET A 11 -5.13 -19.76 -19.44
C MET A 11 -5.90 -20.93 -20.01
N TRP A 12 -6.26 -20.88 -21.30
CA TRP A 12 -7.02 -21.93 -21.95
C TRP A 12 -6.31 -22.39 -23.22
N THR A 13 -5.58 -21.48 -23.87
CA THR A 13 -5.01 -21.75 -25.17
C THR A 13 -3.80 -20.88 -25.43
N MET A 14 -2.64 -21.49 -25.70
CA MET A 14 -1.52 -20.80 -26.34
C MET A 14 -1.30 -21.24 -27.77
N ASN A 15 -1.82 -22.39 -28.16
CA ASN A 15 -1.77 -22.87 -29.54
C ASN A 15 -3.15 -22.58 -30.14
N TRP A 16 -3.22 -21.54 -30.96
CA TRP A 16 -4.47 -21.06 -31.51
C TRP A 16 -4.84 -21.90 -32.74
N ASP A 17 -5.09 -23.17 -32.49
CA ASP A 17 -5.66 -24.04 -33.53
C ASP A 17 -7.18 -24.01 -33.38
N ARG A 18 -7.88 -24.81 -34.21
CA ARG A 18 -9.33 -24.72 -34.19
C ARG A 18 -9.93 -25.07 -32.84
N PRO A 19 -9.61 -26.22 -32.20
CA PRO A 19 -10.24 -26.49 -30.90
C PRO A 19 -9.78 -25.51 -29.83
N GLY A 20 -8.54 -25.03 -29.93
CA GLY A 20 -8.04 -24.06 -28.97
C GLY A 20 -8.79 -22.75 -29.04
N ALA A 21 -9.06 -22.27 -30.26
CA ALA A 21 -9.86 -21.07 -30.41
C ALA A 21 -11.28 -21.26 -29.86
N GLU A 22 -11.89 -22.42 -30.09
CA GLU A 22 -13.23 -22.61 -29.54
C GLU A 22 -13.20 -22.63 -28.02
N ARG A 23 -12.20 -23.28 -27.45
CA ARG A 23 -12.09 -23.39 -26.00
C ARG A 23 -11.92 -22.01 -25.38
N ALA A 24 -11.13 -21.16 -26.04
CA ALA A 24 -10.87 -19.83 -25.50
C ALA A 24 -12.10 -18.92 -25.62
N VAL A 25 -12.80 -18.99 -26.75
CA VAL A 25 -14.01 -18.18 -26.90
C VAL A 25 -15.08 -18.65 -25.92
N ALA A 26 -15.15 -19.97 -25.65
CA ALA A 26 -16.13 -20.44 -24.68
C ALA A 26 -15.80 -19.92 -23.27
N ALA A 27 -14.51 -19.87 -22.93
CA ALA A 27 -14.12 -19.28 -21.66
C ALA A 27 -14.47 -17.79 -21.60
N ALA A 28 -14.20 -17.05 -22.69
CA ALA A 28 -14.51 -15.62 -22.69
C ALA A 28 -16.00 -15.37 -22.44
N LEU A 29 -16.87 -16.18 -23.04
CA LEU A 29 -18.30 -16.06 -22.79
C LEU A 29 -18.66 -16.43 -21.36
N LYS A 30 -18.09 -17.52 -20.82
CA LYS A 30 -18.31 -17.89 -19.43
C LYS A 30 -18.03 -16.74 -18.48
N TYR A 31 -16.90 -16.06 -18.65
CA TYR A 31 -16.48 -14.97 -17.77
C TYR A 31 -16.99 -13.61 -18.21
N GLU A 32 -17.78 -13.57 -19.29
CA GLU A 32 -18.52 -12.38 -19.72
C GLU A 32 -17.61 -11.18 -20.00
N VAL A 33 -16.49 -11.44 -20.68
CA VAL A 33 -15.54 -10.38 -21.00
C VAL A 33 -15.94 -9.69 -22.30
N ASP A 34 -15.34 -8.51 -22.52
CA ASP A 34 -15.60 -7.69 -23.71
C ASP A 34 -14.70 -8.05 -24.88
N PHE A 35 -13.49 -8.55 -24.61
CA PHE A 35 -12.57 -8.86 -25.68
C PHE A 35 -11.61 -9.95 -25.22
N ILE A 36 -10.93 -10.55 -26.20
CA ILE A 36 -9.86 -11.50 -25.92
C ILE A 36 -8.58 -11.04 -26.59
N GLU A 37 -7.45 -11.42 -26.00
CA GLU A 37 -6.14 -11.26 -26.59
C GLU A 37 -5.67 -12.64 -27.03
N ILE A 38 -5.37 -12.78 -28.32
CA ILE A 38 -5.05 -14.06 -28.94
C ILE A 38 -3.54 -14.17 -29.07
N PRO A 39 -2.91 -15.16 -28.45
CA PRO A 39 -1.47 -15.36 -28.65
C PRO A 39 -1.19 -16.00 -30.00
N MET A 40 -0.17 -15.50 -30.67
CA MET A 40 0.23 -16.00 -32.00
C MET A 40 1.65 -16.55 -31.94
N LEU A 41 1.79 -17.76 -31.42
CA LEU A 41 3.08 -18.46 -31.40
C LEU A 41 3.56 -18.81 -32.79
N ASN A 42 2.63 -19.07 -33.71
CA ASN A 42 2.96 -19.52 -35.07
C ASN A 42 1.96 -18.89 -36.02
N PRO A 43 2.19 -17.64 -36.39
CA PRO A 43 1.18 -16.89 -37.15
C PRO A 43 0.73 -17.61 -38.41
N PRO A 44 1.64 -18.21 -39.19
CA PRO A 44 1.18 -18.83 -40.46
C PRO A 44 0.13 -19.89 -40.29
N ALA A 45 0.06 -20.54 -39.14
CA ALA A 45 -0.88 -21.65 -38.92
C ALA A 45 -2.27 -21.21 -38.50
N VAL A 46 -2.51 -19.93 -38.31
CA VAL A 46 -3.79 -19.45 -37.79
C VAL A 46 -4.84 -19.53 -38.89
N ASP A 47 -5.99 -20.11 -38.57
CA ASP A 47 -7.15 -20.10 -39.48
C ASP A 47 -7.91 -18.81 -39.26
N THR A 48 -7.68 -17.82 -40.13
CA THR A 48 -8.25 -16.50 -39.93
C THR A 48 -9.77 -16.51 -40.04
N GLU A 49 -10.32 -17.30 -40.97
CA GLU A 49 -11.76 -17.19 -41.20
C GLU A 49 -12.58 -17.86 -40.11
N HIS A 50 -12.10 -18.98 -39.58
CA HIS A 50 -12.75 -19.61 -38.45
C HIS A 50 -12.78 -18.68 -37.25
N THR A 51 -11.65 -18.01 -36.98
CA THR A 51 -11.61 -17.12 -35.83
C THR A 51 -12.49 -15.91 -36.06
N ARG A 52 -12.41 -15.31 -37.24
CA ARG A 52 -13.26 -14.16 -37.54
C ARG A 52 -14.74 -14.51 -37.33
N ALA A 53 -15.15 -15.67 -37.84
CA ALA A 53 -16.55 -16.06 -37.71
C ALA A 53 -16.94 -16.26 -36.25
N LEU A 54 -16.05 -16.87 -35.46
CA LEU A 54 -16.31 -17.07 -34.04
C LEU A 54 -16.46 -15.74 -33.31
N LEU A 55 -15.57 -14.79 -33.58
CA LEU A 55 -15.63 -13.50 -32.92
C LEU A 55 -16.91 -12.77 -33.28
N GLU A 56 -17.25 -12.77 -34.57
CA GLU A 56 -18.44 -12.04 -35.01
C GLU A 56 -19.70 -12.69 -34.47
N LYS A 57 -19.79 -14.01 -34.50
CA LYS A 57 -20.97 -14.70 -34.00
C LYS A 57 -21.22 -14.37 -32.54
N ASN A 58 -20.16 -14.18 -31.77
CA ASN A 58 -20.27 -13.99 -30.34
C ASN A 58 -20.06 -12.55 -29.91
N GLU A 59 -20.04 -11.61 -30.86
CA GLU A 59 -19.87 -10.19 -30.56
C GLU A 59 -18.70 -9.97 -29.61
N LEU A 60 -17.57 -10.59 -29.94
CA LEU A 60 -16.36 -10.47 -29.16
C LEU A 60 -15.32 -9.71 -29.97
N ARG A 61 -14.67 -8.75 -29.36
CA ARG A 61 -13.57 -8.08 -30.04
C ARG A 61 -12.28 -8.80 -29.67
N ALA A 62 -11.22 -8.52 -30.43
CA ALA A 62 -9.97 -9.20 -30.20
C ALA A 62 -8.80 -8.34 -30.68
N LEU A 63 -7.65 -8.63 -30.08
CA LEU A 63 -6.37 -8.28 -30.63
C LEU A 63 -5.46 -9.47 -30.46
N CYS A 64 -4.29 -9.39 -31.08
CA CYS A 64 -3.31 -10.45 -31.07
C CYS A 64 -2.01 -9.96 -30.45
N SER A 65 -1.21 -10.90 -29.91
CA SER A 65 0.08 -10.56 -29.32
C SER A 65 1.09 -11.67 -29.56
N LEU A 66 2.36 -11.31 -29.52
CA LEU A 66 3.44 -12.24 -29.74
C LEU A 66 4.73 -11.64 -29.18
N GLY A 67 5.73 -12.50 -29.09
CA GLY A 67 7.12 -12.07 -28.98
C GLY A 67 7.92 -12.66 -30.13
N LEU A 68 8.96 -11.94 -30.58
CA LEU A 68 9.69 -12.40 -31.74
C LEU A 68 10.56 -13.62 -31.40
N PRO A 69 10.57 -14.66 -32.24
CA PRO A 69 11.51 -15.76 -32.02
C PRO A 69 12.94 -15.33 -32.31
N GLU A 70 13.91 -16.09 -31.78
CA GLU A 70 15.31 -15.68 -31.84
C GLU A 70 15.78 -15.48 -33.29
N ARG A 71 15.31 -16.29 -34.23
CA ARG A 71 15.69 -16.11 -35.62
C ARG A 71 15.27 -14.75 -36.18
N ALA A 72 14.34 -14.06 -35.51
CA ALA A 72 13.80 -12.79 -35.99
C ALA A 72 13.91 -11.66 -34.96
N TRP A 73 14.82 -11.74 -34.01
CA TRP A 73 14.98 -10.64 -33.05
C TRP A 73 15.35 -9.34 -33.77
N ALA A 74 14.54 -8.31 -33.60
CA ALA A 74 14.68 -7.10 -34.41
C ALA A 74 16.03 -6.40 -34.19
N SER A 75 16.58 -6.46 -32.98
CA SER A 75 17.79 -5.66 -32.69
C SER A 75 18.99 -6.14 -33.49
N VAL A 76 18.99 -7.39 -33.91
CA VAL A 76 20.13 -8.00 -34.60
C VAL A 76 19.76 -8.59 -35.94
N ARG A 77 18.51 -8.94 -36.17
CA ARG A 77 18.06 -9.54 -37.43
C ARG A 77 16.83 -8.81 -37.91
N PRO A 78 16.97 -7.51 -38.22
CA PRO A 78 15.79 -6.70 -38.54
C PRO A 78 15.07 -7.14 -39.80
N ASP A 79 15.77 -7.63 -40.83
CA ASP A 79 15.07 -8.10 -42.02
C ASP A 79 14.11 -9.24 -41.66
N ALA A 80 14.62 -10.22 -40.90
CA ALA A 80 13.78 -11.34 -40.50
C ALA A 80 12.63 -10.91 -39.60
N ALA A 81 12.86 -9.89 -38.75
CA ALA A 81 11.80 -9.39 -37.89
C ALA A 81 10.68 -8.78 -38.71
N ILE A 82 11.03 -7.99 -39.72
CA ILE A 82 10.00 -7.42 -40.59
C ILE A 82 9.18 -8.53 -41.23
N GLU A 83 9.84 -9.57 -41.73
CA GLU A 83 9.12 -10.64 -42.41
C GLU A 83 8.19 -11.38 -41.45
N HIS A 84 8.65 -11.63 -40.22
CA HIS A 84 7.80 -12.27 -39.23
C HIS A 84 6.60 -11.40 -38.90
N LEU A 85 6.83 -10.12 -38.64
CA LEU A 85 5.77 -9.21 -38.26
C LEU A 85 4.76 -9.02 -39.38
N LYS A 86 5.21 -8.98 -40.64
CA LYS A 86 4.24 -8.79 -41.71
C LYS A 86 3.23 -9.92 -41.74
N VAL A 87 3.69 -11.16 -41.56
CA VAL A 87 2.78 -12.31 -41.56
C VAL A 87 1.81 -12.21 -40.40
N ALA A 88 2.32 -11.87 -39.21
CA ALA A 88 1.46 -11.76 -38.03
C ALA A 88 0.44 -10.62 -38.19
N ILE A 89 0.86 -9.49 -38.79
CA ILE A 89 -0.05 -8.37 -38.99
C ILE A 89 -1.17 -8.76 -39.94
N ASP A 90 -0.84 -9.43 -41.05
CA ASP A 90 -1.87 -9.86 -41.99
C ASP A 90 -2.83 -10.84 -41.34
N LYS A 91 -2.32 -11.79 -40.56
CA LYS A 91 -3.20 -12.77 -39.91
C LYS A 91 -4.10 -12.05 -38.91
N THR A 92 -3.52 -11.12 -38.13
CA THR A 92 -4.33 -10.36 -37.18
C THR A 92 -5.46 -9.64 -37.89
N ALA A 93 -5.14 -8.95 -38.97
CA ALA A 93 -6.15 -8.16 -39.65
C ALA A 93 -7.22 -9.07 -40.21
N ASP A 94 -6.80 -10.19 -40.79
CA ASP A 94 -7.75 -11.07 -41.50
C ASP A 94 -8.68 -11.77 -40.52
N LEU A 95 -8.26 -12.00 -39.28
CA LEU A 95 -9.18 -12.61 -38.32
C LEU A 95 -10.07 -11.58 -37.63
N GLY A 96 -9.91 -10.29 -37.94
CA GLY A 96 -10.71 -9.24 -37.34
C GLY A 96 -10.11 -8.60 -36.11
N GLY A 97 -8.85 -8.90 -35.80
CA GLY A 97 -8.19 -8.25 -34.69
C GLY A 97 -7.90 -6.79 -34.99
N GLU A 98 -7.82 -6.00 -33.92
CA GLU A 98 -7.67 -4.56 -34.06
C GLU A 98 -6.24 -4.10 -33.86
N ALA A 99 -5.38 -4.97 -33.38
CA ALA A 99 -4.00 -4.59 -33.10
C ALA A 99 -3.17 -5.85 -32.92
N LEU A 100 -1.87 -5.71 -33.15
CA LEU A 100 -0.86 -6.69 -32.79
C LEU A 100 0.03 -6.06 -31.74
N SER A 101 0.12 -6.68 -30.58
CA SER A 101 0.86 -6.07 -29.46
C SER A 101 1.79 -7.11 -28.86
N GLY A 102 2.46 -6.72 -27.79
CA GLY A 102 3.40 -7.61 -27.14
C GLY A 102 4.83 -7.20 -27.36
N VAL A 103 5.73 -8.18 -27.33
CA VAL A 103 7.16 -7.92 -27.49
C VAL A 103 7.42 -8.01 -29.00
N ILE A 104 6.87 -7.05 -29.75
CA ILE A 104 6.99 -7.06 -31.21
C ILE A 104 8.30 -6.47 -31.68
N TYR A 105 9.11 -5.96 -30.75
CA TYR A 105 10.37 -5.25 -31.01
C TYR A 105 11.59 -6.07 -30.62
N GLY A 106 11.38 -7.28 -30.15
CA GLY A 106 12.49 -8.13 -29.72
C GLY A 106 11.92 -9.43 -29.24
N GLY A 107 12.68 -10.14 -28.44
CA GLY A 107 12.22 -11.43 -27.96
C GLY A 107 12.56 -11.62 -26.49
N ILE A 108 11.81 -12.54 -25.88
CA ILE A 108 12.10 -13.02 -24.55
C ILE A 108 13.42 -13.78 -24.60
N GLY A 109 14.38 -13.37 -23.77
CA GLY A 109 15.70 -13.98 -23.77
C GLY A 109 16.81 -13.13 -24.35
N GLU A 110 16.50 -11.94 -24.87
CA GLU A 110 17.56 -11.05 -25.32
C GLU A 110 18.28 -10.45 -24.12
N ARG A 111 19.61 -10.42 -24.19
CA ARG A 111 20.47 -9.91 -23.14
C ARG A 111 21.90 -9.82 -23.66
N THR A 112 22.46 -8.63 -23.71
CA THR A 112 23.85 -8.49 -24.11
C THR A 112 24.81 -8.42 -22.93
N GLY A 113 24.29 -8.15 -21.73
CA GLY A 113 25.12 -7.91 -20.56
C GLY A 113 25.50 -6.47 -20.35
N VAL A 114 25.14 -5.57 -21.26
CA VAL A 114 25.46 -4.14 -21.18
C VAL A 114 24.20 -3.35 -21.54
N PRO A 115 24.20 -2.03 -21.36
CA PRO A 115 23.01 -1.25 -21.70
C PRO A 115 22.67 -1.35 -23.15
N PRO A 116 21.39 -1.15 -23.51
CA PRO A 116 20.99 -1.12 -24.92
C PRO A 116 21.70 0.02 -25.65
N THR A 117 22.07 -0.22 -26.90
CA THR A 117 22.83 0.74 -27.71
C THR A 117 21.98 1.41 -28.78
N GLU A 118 22.52 2.52 -29.31
CA GLU A 118 21.88 3.19 -30.42
C GLU A 118 21.76 2.29 -31.64
N ALA A 119 22.75 1.42 -31.87
CA ALA A 119 22.67 0.53 -33.01
C ALA A 119 21.48 -0.41 -32.88
N GLU A 120 21.29 -0.95 -31.68
CA GLU A 120 20.16 -1.83 -31.45
C GLU A 120 18.85 -1.09 -31.66
N TYR A 121 18.75 0.13 -31.12
CA TYR A 121 17.51 0.89 -31.24
C TYR A 121 17.24 1.33 -32.67
N ASP A 122 18.31 1.61 -33.43
CA ASP A 122 18.14 1.96 -34.85
C ASP A 122 17.50 0.82 -35.61
N ASN A 123 17.96 -0.41 -35.36
CA ASN A 123 17.37 -1.56 -36.02
C ASN A 123 15.94 -1.76 -35.58
N ILE A 124 15.66 -1.59 -34.26
CA ILE A 124 14.28 -1.75 -33.79
C ILE A 124 13.39 -0.71 -34.45
N ALA A 125 13.87 0.54 -34.55
CA ALA A 125 13.05 1.60 -35.16
C ALA A 125 12.77 1.31 -36.63
N ARG A 126 13.77 0.81 -37.36
CA ARG A 126 13.53 0.46 -38.76
C ARG A 126 12.49 -0.64 -38.87
N VAL A 127 12.56 -1.64 -37.99
CA VAL A 127 11.58 -2.72 -38.01
C VAL A 127 10.18 -2.19 -37.69
N LEU A 128 10.06 -1.39 -36.64
CA LEU A 128 8.74 -0.91 -36.26
C LEU A 128 8.16 0.06 -37.28
N SER A 129 9.00 0.83 -37.97
CA SER A 129 8.47 1.72 -39.01
C SER A 129 7.88 0.90 -40.15
N ALA A 130 8.59 -0.14 -40.59
CA ALA A 130 8.08 -1.02 -41.64
C ALA A 130 6.81 -1.75 -41.20
N ALA A 131 6.84 -2.32 -40.00
CA ALA A 131 5.66 -2.99 -39.46
C ALA A 131 4.48 -2.03 -39.32
N ALA A 132 4.72 -0.81 -38.83
CA ALA A 132 3.64 0.15 -38.66
C ALA A 132 3.02 0.51 -40.01
N LYS A 133 3.83 0.66 -41.05
CA LYS A 133 3.26 0.94 -42.38
C LYS A 133 2.40 -0.22 -42.85
N HIS A 134 2.86 -1.46 -42.65
CA HIS A 134 2.07 -2.62 -43.05
C HIS A 134 0.77 -2.69 -42.26
N ALA A 135 0.85 -2.47 -40.95
CA ALA A 135 -0.35 -2.43 -40.13
C ALA A 135 -1.31 -1.35 -40.59
N LYS A 136 -0.80 -0.17 -40.94
CA LYS A 136 -1.68 0.88 -41.43
C LYS A 136 -2.40 0.43 -42.69
N SER A 137 -1.67 -0.23 -43.60
CA SER A 137 -2.28 -0.69 -44.85
C SER A 137 -3.36 -1.73 -44.60
N ARG A 138 -3.33 -2.43 -43.47
CA ARG A 138 -4.37 -3.37 -43.10
C ARG A 138 -5.36 -2.83 -42.08
N GLY A 139 -5.21 -1.57 -41.70
CA GLY A 139 -6.15 -0.91 -40.83
C GLY A 139 -6.09 -1.29 -39.37
N ILE A 140 -4.93 -1.73 -38.87
CA ILE A 140 -4.77 -2.09 -37.47
C ILE A 140 -3.64 -1.28 -36.85
N GLU A 141 -3.53 -1.38 -35.54
CA GLU A 141 -2.50 -0.70 -34.77
C GLU A 141 -1.49 -1.71 -34.24
N LEU A 142 -0.37 -1.19 -33.76
CA LEU A 142 0.66 -2.00 -33.15
C LEU A 142 0.87 -1.53 -31.72
N GLY A 143 1.13 -2.46 -30.82
CA GLY A 143 1.41 -2.13 -29.42
C GLY A 143 2.80 -2.61 -29.05
N VAL A 144 3.51 -1.81 -28.28
CA VAL A 144 4.83 -2.14 -27.77
C VAL A 144 4.70 -2.39 -26.27
N GLU A 145 4.91 -3.64 -25.83
CA GLU A 145 4.79 -3.99 -24.41
C GLU A 145 6.15 -3.90 -23.75
N ALA A 146 6.27 -3.01 -22.75
CA ALA A 146 7.45 -2.96 -21.92
C ALA A 146 7.48 -4.16 -20.99
N VAL A 147 8.62 -4.87 -20.97
CA VAL A 147 8.76 -6.06 -20.13
C VAL A 147 10.00 -5.89 -19.26
N ASN A 148 10.13 -6.74 -18.26
CA ASN A 148 11.18 -6.46 -17.28
C ASN A 148 12.59 -6.80 -17.82
N ARG A 149 13.55 -6.28 -17.07
CA ARG A 149 14.97 -6.34 -17.38
C ARG A 149 15.47 -7.73 -17.70
N TYR A 150 14.87 -8.76 -17.10
CA TYR A 150 15.37 -10.11 -17.32
C TYR A 150 14.85 -10.74 -18.61
N GLU A 151 13.75 -10.25 -19.14
CA GLU A 151 13.17 -10.82 -20.34
C GLU A 151 13.72 -10.17 -21.59
N ASN A 152 14.11 -8.91 -21.48
CA ASN A 152 14.65 -8.16 -22.60
C ASN A 152 15.35 -6.92 -22.04
N HIS A 153 16.48 -6.51 -22.63
CA HIS A 153 17.25 -5.40 -22.09
C HIS A 153 16.94 -4.09 -22.79
N LEU A 154 15.97 -4.06 -23.69
CA LEU A 154 15.78 -2.92 -24.59
C LEU A 154 14.65 -1.98 -24.20
N ILE A 155 13.46 -2.49 -23.83
CA ILE A 155 12.34 -1.62 -23.52
C ILE A 155 11.71 -2.18 -22.24
N ASN A 156 12.05 -1.56 -21.10
CA ASN A 156 11.61 -2.05 -19.80
C ASN A 156 10.62 -1.14 -19.08
N THR A 157 10.57 0.15 -19.40
CA THR A 157 9.72 1.11 -18.73
C THR A 157 8.78 1.78 -19.71
N GLY A 158 7.73 2.39 -19.16
CA GLY A 158 6.86 3.22 -19.98
C GLY A 158 7.63 4.32 -20.68
N TRP A 159 8.59 4.94 -19.99
CA TRP A 159 9.30 6.04 -20.63
C TRP A 159 10.15 5.55 -21.80
N GLN A 160 10.78 4.37 -21.68
CA GLN A 160 11.55 3.84 -22.81
C GLN A 160 10.63 3.49 -23.97
N ALA A 161 9.45 2.97 -23.67
CA ALA A 161 8.49 2.64 -24.73
C ALA A 161 8.10 3.90 -25.48
N VAL A 162 7.84 5.00 -24.76
CA VAL A 162 7.45 6.25 -25.40
C VAL A 162 8.60 6.80 -26.24
N GLN A 163 9.83 6.71 -25.74
CA GLN A 163 10.98 7.18 -26.53
C GLN A 163 11.04 6.44 -27.87
N MET A 164 10.77 5.14 -27.87
CA MET A 164 10.83 4.40 -29.12
C MET A 164 9.69 4.81 -30.05
N ILE A 165 8.50 5.03 -29.49
CA ILE A 165 7.38 5.48 -30.31
C ILE A 165 7.71 6.81 -30.96
N GLU A 166 8.35 7.69 -30.19
CA GLU A 166 8.74 8.98 -30.75
C GLU A 166 9.81 8.83 -31.81
N ARG A 167 10.75 7.91 -31.59
CA ARG A 167 11.81 7.66 -32.55
C ARG A 167 11.25 7.18 -33.88
N VAL A 168 10.24 6.32 -33.83
CA VAL A 168 9.67 5.77 -35.07
C VAL A 168 8.84 6.83 -35.81
N GLY A 169 8.07 7.61 -35.08
CA GLY A 169 7.29 8.65 -35.72
C GLY A 169 6.03 8.19 -36.43
N ALA A 170 5.56 6.96 -36.19
CA ALA A 170 4.31 6.50 -36.76
C ALA A 170 3.16 6.94 -35.87
N ASP A 171 1.95 6.95 -36.41
CA ASP A 171 0.78 7.38 -35.66
C ASP A 171 -0.03 6.23 -35.10
N ASN A 172 0.34 4.99 -35.43
CA ASN A 172 -0.50 3.84 -35.10
C ASN A 172 0.24 2.83 -34.21
N ILE A 173 1.23 3.28 -33.44
CA ILE A 173 1.89 2.46 -32.43
C ILE A 173 1.55 3.04 -31.07
N PHE A 174 1.08 2.18 -30.16
CA PHE A 174 0.75 2.58 -28.81
C PHE A 174 1.58 1.82 -27.79
N VAL A 175 1.55 2.30 -26.53
CA VAL A 175 2.22 1.63 -25.41
C VAL A 175 1.27 0.65 -24.74
N HIS A 176 1.81 -0.50 -24.41
CA HIS A 176 1.15 -1.61 -23.74
C HIS A 176 1.96 -1.83 -22.45
N LEU A 177 1.34 -1.59 -21.29
CA LEU A 177 2.02 -1.80 -20.02
C LEU A 177 1.52 -3.09 -19.39
N ASP A 178 2.29 -3.60 -18.43
CA ASP A 178 1.97 -4.85 -17.73
C ASP A 178 2.33 -4.66 -16.26
N THR A 179 1.34 -4.82 -15.38
CA THR A 179 1.56 -4.50 -13.97
C THR A 179 2.62 -5.40 -13.35
N TYR A 180 2.74 -6.65 -13.81
CA TYR A 180 3.79 -7.53 -13.32
C TYR A 180 5.18 -6.97 -13.64
N HIS A 181 5.35 -6.48 -14.87
CA HIS A 181 6.65 -5.91 -15.26
C HIS A 181 6.86 -4.55 -14.58
N MET A 182 5.80 -3.75 -14.47
CA MET A 182 5.92 -2.44 -13.82
C MET A 182 6.27 -2.58 -12.36
N ASN A 183 5.78 -3.64 -11.72
CA ASN A 183 6.05 -3.91 -10.32
C ASN A 183 7.54 -4.06 -10.07
N ILE A 184 8.30 -4.45 -11.09
CA ILE A 184 9.76 -4.49 -11.01
C ILE A 184 10.37 -3.20 -11.54
N GLU A 185 9.88 -2.69 -12.67
CA GLU A 185 10.64 -1.68 -13.39
C GLU A 185 10.33 -0.23 -13.02
N GLU A 186 9.11 0.09 -12.57
CA GLU A 186 8.74 1.50 -12.43
C GLU A 186 9.06 1.99 -11.04
N LYS A 187 9.59 3.21 -10.96
CA LYS A 187 10.01 3.81 -9.70
C LYS A 187 8.79 4.40 -9.01
N GLY A 188 7.95 3.50 -8.46
CA GLY A 188 6.59 3.81 -8.11
C GLY A 188 5.72 3.43 -9.30
N VAL A 189 4.78 2.50 -9.09
CA VAL A 189 4.12 1.84 -10.22
C VAL A 189 3.32 2.81 -11.07
N GLY A 190 2.71 3.83 -10.44
CA GLY A 190 1.99 4.84 -11.20
C GLY A 190 2.86 5.57 -12.21
N ASN A 191 4.17 5.59 -12.00
CA ASN A 191 5.02 6.37 -12.90
C ASN A 191 5.08 5.77 -14.30
N GLY A 192 4.87 4.46 -14.44
CA GLY A 192 4.81 3.89 -15.80
C GLY A 192 3.59 4.40 -16.55
N ILE A 193 2.45 4.50 -15.86
CA ILE A 193 1.25 5.04 -16.47
C ILE A 193 1.42 6.52 -16.77
N LEU A 194 2.03 7.26 -15.85
CA LEU A 194 2.22 8.70 -16.07
C LEU A 194 3.12 8.94 -17.26
N ASP A 195 4.23 8.22 -17.34
CA ASP A 195 5.18 8.44 -18.43
C ASP A 195 4.58 8.04 -19.77
N ALA A 196 3.73 7.02 -19.80
CA ALA A 196 3.13 6.56 -21.04
C ALA A 196 1.79 7.23 -21.35
N ARG A 197 1.41 8.26 -20.61
CA ARG A 197 0.03 8.73 -20.63
C ARG A 197 -0.45 9.17 -22.02
N GLU A 198 0.44 9.68 -22.86
CA GLU A 198 0.00 10.15 -24.18
C GLU A 198 -0.19 9.01 -25.19
N HIS A 199 0.22 7.79 -24.84
CA HIS A 199 0.21 6.70 -25.80
C HIS A 199 -0.33 5.39 -25.24
N LEU A 200 -0.88 5.38 -24.03
CA LEU A 200 -1.27 4.15 -23.35
C LEU A 200 -2.67 3.74 -23.79
N LYS A 201 -2.76 2.59 -24.47
CA LYS A 201 -4.04 2.08 -24.92
C LYS A 201 -4.35 0.66 -24.43
N TYR A 202 -3.45 0.05 -23.66
CA TYR A 202 -3.65 -1.34 -23.28
C TYR A 202 -2.81 -1.63 -22.05
N ILE A 203 -3.37 -2.38 -21.11
CA ILE A 203 -2.61 -2.77 -19.92
C ILE A 203 -2.95 -4.20 -19.53
N HIS A 204 -1.91 -5.00 -19.31
CA HIS A 204 -2.05 -6.31 -18.68
C HIS A 204 -2.15 -6.14 -17.17
N LEU A 205 -3.23 -6.67 -16.60
CA LEU A 205 -3.48 -6.62 -15.17
C LEU A 205 -3.08 -8.01 -14.68
N SER A 206 -1.85 -8.09 -14.16
CA SER A 206 -1.24 -9.34 -13.75
C SER A 206 -0.66 -9.16 -12.36
N GLU A 207 -0.85 -10.16 -11.51
CA GLU A 207 -0.25 -10.09 -10.18
C GLU A 207 1.27 -10.25 -10.25
N SER A 208 1.91 -9.83 -9.16
CA SER A 208 3.37 -9.78 -9.06
C SER A 208 4.04 -11.13 -9.24
N ASP A 209 3.33 -12.23 -8.97
CA ASP A 209 3.86 -13.57 -9.15
C ASP A 209 3.20 -14.32 -10.31
N ARG A 210 2.48 -13.60 -11.16
CA ARG A 210 1.70 -14.14 -12.29
C ARG A 210 0.53 -15.02 -11.82
N GLY A 211 0.17 -14.95 -10.55
CA GLY A 211 -0.90 -15.75 -10.00
C GLY A 211 -2.25 -15.06 -10.04
N THR A 212 -2.80 -14.76 -8.86
CA THR A 212 -4.16 -14.25 -8.72
C THR A 212 -4.15 -12.76 -8.43
N PRO A 213 -4.62 -11.91 -9.33
CA PRO A 213 -4.73 -10.49 -9.04
C PRO A 213 -5.46 -10.19 -7.75
N GLY A 214 -4.85 -9.35 -6.93
CA GLY A 214 -5.36 -8.98 -5.63
C GLY A 214 -4.59 -9.60 -4.49
N TYR A 215 -3.73 -10.58 -4.76
CA TYR A 215 -3.11 -11.41 -3.76
C TYR A 215 -1.62 -11.54 -4.10
N GLY A 216 -0.91 -10.43 -3.96
CA GLY A 216 0.51 -10.38 -4.23
C GLY A 216 1.10 -9.09 -3.71
N THR A 217 1.97 -8.48 -4.51
CA THR A 217 2.64 -7.25 -4.11
C THR A 217 2.40 -6.08 -5.07
N CYS A 218 1.58 -6.21 -6.09
CA CYS A 218 1.25 -5.05 -6.92
C CYS A 218 0.41 -4.04 -6.15
N GLY A 219 0.65 -2.75 -6.42
CA GLY A 219 -0.09 -1.66 -5.79
C GLY A 219 -1.33 -1.30 -6.59
N TRP A 220 -2.38 -2.12 -6.43
CA TRP A 220 -3.56 -2.02 -7.28
C TRP A 220 -4.29 -0.68 -7.12
N ASP A 221 -4.35 -0.14 -5.91
CA ASP A 221 -5.07 1.12 -5.75
C ASP A 221 -4.35 2.23 -6.50
N GLU A 222 -3.02 2.28 -6.41
CA GLU A 222 -2.27 3.26 -7.17
C GLU A 222 -2.45 3.04 -8.67
N ILE A 223 -2.45 1.78 -9.11
CA ILE A 223 -2.62 1.48 -10.54
C ILE A 223 -3.96 2.00 -11.04
N PHE A 224 -5.05 1.62 -10.39
CA PHE A 224 -6.37 1.98 -10.89
C PHE A 224 -6.64 3.47 -10.73
N SER A 225 -6.23 4.06 -9.61
CA SER A 225 -6.43 5.50 -9.43
C SER A 225 -5.68 6.29 -10.51
N THR A 226 -4.45 5.86 -10.86
CA THR A 226 -3.68 6.60 -11.86
C THR A 226 -4.26 6.41 -13.26
N LEU A 227 -4.70 5.19 -13.60
CA LEU A 227 -5.40 4.97 -14.86
C LEU A 227 -6.60 5.89 -14.98
N ALA A 228 -7.43 5.96 -13.93
CA ALA A 228 -8.59 6.84 -13.95
C ALA A 228 -8.17 8.29 -14.12
N ALA A 229 -7.10 8.71 -13.43
CA ALA A 229 -6.74 10.12 -13.43
C ALA A 229 -6.18 10.57 -14.77
N ILE A 230 -5.52 9.69 -15.52
CA ILE A 230 -5.07 10.07 -16.86
C ILE A 230 -6.16 9.89 -17.89
N GLY A 231 -7.34 9.44 -17.47
CA GLY A 231 -8.46 9.24 -18.37
C GLY A 231 -8.24 8.07 -19.29
N PHE A 232 -7.74 6.95 -18.75
CA PHE A 232 -7.34 5.84 -19.59
C PHE A 232 -8.53 5.36 -20.38
N LYS A 233 -8.34 5.31 -21.70
CA LYS A 233 -9.26 4.71 -22.65
C LYS A 233 -8.47 3.59 -23.31
N GLY A 234 -8.83 2.37 -22.97
CA GLY A 234 -8.16 1.25 -23.60
C GLY A 234 -8.55 -0.04 -22.93
N GLY A 235 -7.84 -1.10 -23.35
CA GLY A 235 -8.15 -2.42 -22.86
C GLY A 235 -7.58 -2.69 -21.49
N LEU A 236 -8.44 -3.18 -20.58
CA LEU A 236 -8.06 -3.75 -19.28
C LEU A 236 -8.06 -5.28 -19.43
N ALA A 237 -6.88 -5.87 -19.57
CA ALA A 237 -6.76 -7.28 -19.92
C ALA A 237 -6.10 -8.04 -18.79
N MET A 238 -6.84 -8.98 -18.19
CA MET A 238 -6.27 -9.83 -17.16
C MET A 238 -5.29 -10.83 -17.76
N GLU A 239 -4.13 -11.00 -17.11
CA GLU A 239 -3.11 -11.96 -17.55
C GLU A 239 -2.65 -12.77 -16.35
N SER A 240 -2.79 -14.08 -16.44
CA SER A 240 -2.28 -14.99 -15.41
C SER A 240 -1.64 -16.17 -16.12
N PHE A 241 -0.61 -16.75 -15.51
CA PHE A 241 0.07 -17.88 -16.12
C PHE A 241 -0.47 -19.24 -15.62
N ILE A 242 -1.61 -19.24 -14.93
CA ILE A 242 -2.21 -20.50 -14.50
C ILE A 242 -2.54 -21.35 -15.74
N ASN A 243 -2.23 -22.63 -15.65
CA ASN A 243 -2.52 -23.61 -16.69
C ASN A 243 -1.81 -23.30 -18.02
N MET A 244 -0.78 -22.47 -18.03
CA MET A 244 -0.03 -22.30 -19.27
C MET A 244 0.66 -23.61 -19.64
N PRO A 245 0.72 -23.96 -20.92
CA PRO A 245 1.45 -25.18 -21.32
C PRO A 245 2.88 -25.15 -20.83
N PRO A 246 3.43 -26.29 -20.41
CA PRO A 246 4.76 -26.29 -19.77
C PRO A 246 5.86 -25.60 -20.55
N GLU A 247 6.06 -25.90 -21.84
CA GLU A 247 7.19 -25.31 -22.55
C GLU A 247 7.06 -23.79 -22.65
N VAL A 248 5.84 -23.27 -22.82
CA VAL A 248 5.68 -21.81 -22.79
C VAL A 248 6.04 -21.29 -21.39
N ALA A 249 5.51 -21.95 -20.36
CA ALA A 249 5.73 -21.49 -18.99
C ALA A 249 7.21 -21.46 -18.65
N TYR A 250 7.96 -22.51 -19.04
CA TYR A 250 9.38 -22.55 -18.71
C TYR A 250 10.14 -21.41 -19.37
N GLY A 251 9.73 -21.04 -20.59
CA GLY A 251 10.36 -19.89 -21.26
C GLY A 251 10.14 -18.58 -20.54
N LEU A 252 9.12 -18.50 -19.69
CA LEU A 252 8.81 -17.31 -18.90
C LEU A 252 9.21 -17.45 -17.44
N ALA A 253 10.09 -18.41 -17.16
CA ALA A 253 10.68 -18.63 -15.84
C ALA A 253 9.64 -19.06 -14.80
N VAL A 254 8.69 -19.87 -15.22
CA VAL A 254 7.68 -20.41 -14.32
C VAL A 254 8.17 -21.80 -13.89
N TRP A 255 8.75 -21.87 -12.70
CA TRP A 255 9.41 -23.08 -12.22
C TRP A 255 8.56 -23.84 -11.21
N ARG A 256 7.38 -23.31 -10.90
CA ARG A 256 6.50 -23.82 -9.85
C ARG A 256 5.14 -23.18 -10.05
N PRO A 257 4.08 -23.75 -9.49
CA PRO A 257 2.75 -23.26 -9.82
C PRO A 257 2.56 -21.82 -9.35
N VAL A 258 1.90 -21.03 -10.18
CA VAL A 258 1.66 -19.64 -9.81
C VAL A 258 0.46 -19.46 -8.92
N ALA A 259 -0.38 -20.50 -8.80
CA ALA A 259 -1.67 -20.44 -8.11
C ALA A 259 -2.20 -21.86 -8.04
N LYS A 260 -3.29 -22.05 -7.28
CA LYS A 260 -3.81 -23.40 -7.09
C LYS A 260 -4.43 -23.95 -8.37
N ASP A 261 -5.34 -23.20 -8.98
CA ASP A 261 -6.09 -23.66 -10.15
C ASP A 261 -6.82 -22.46 -10.74
N GLU A 262 -7.50 -22.70 -11.88
CA GLU A 262 -8.26 -21.65 -12.55
C GLU A 262 -9.36 -21.11 -11.65
N GLU A 263 -9.98 -21.96 -10.82
CA GLU A 263 -11.06 -21.42 -10.02
C GLU A 263 -10.54 -20.39 -9.00
N GLU A 264 -9.33 -20.60 -8.47
CA GLU A 264 -8.74 -19.55 -7.63
C GLU A 264 -8.50 -18.29 -8.44
N VAL A 265 -7.82 -18.42 -9.58
CA VAL A 265 -7.36 -17.25 -10.32
C VAL A 265 -8.54 -16.48 -10.89
N MET A 266 -9.45 -17.17 -11.59
CA MET A 266 -10.56 -16.48 -12.22
C MET A 266 -11.65 -16.16 -11.21
N GLY A 267 -11.85 -17.04 -10.22
CA GLY A 267 -12.92 -16.83 -9.27
C GLY A 267 -12.64 -15.75 -8.25
N ASN A 268 -11.35 -15.51 -7.95
CA ASN A 268 -10.95 -14.46 -7.02
C ASN A 268 -10.35 -13.25 -7.72
N GLY A 269 -9.56 -13.47 -8.76
CA GLY A 269 -8.82 -12.40 -9.40
C GLY A 269 -9.66 -11.54 -10.34
N LEU A 270 -10.53 -12.16 -11.14
CA LEU A 270 -11.34 -11.33 -12.03
C LEU A 270 -12.30 -10.45 -11.24
N PRO A 271 -13.04 -10.95 -10.24
CA PRO A 271 -13.91 -10.04 -9.49
C PRO A 271 -13.14 -8.92 -8.81
N PHE A 272 -11.96 -9.24 -8.28
CA PHE A 272 -11.13 -8.20 -7.67
C PHE A 272 -10.84 -7.08 -8.65
N LEU A 273 -10.42 -7.42 -9.88
CA LEU A 273 -10.07 -6.39 -10.86
C LEU A 273 -11.31 -5.63 -11.32
N ARG A 274 -12.43 -6.33 -11.57
CA ARG A 274 -13.62 -5.63 -12.00
C ARG A 274 -14.11 -4.70 -10.90
N ASN A 275 -14.03 -5.15 -9.64
CA ASN A 275 -14.48 -4.33 -8.52
C ASN A 275 -13.61 -3.08 -8.40
N LYS A 276 -12.30 -3.23 -8.60
CA LYS A 276 -11.40 -2.08 -8.53
C LYS A 276 -11.67 -1.12 -9.68
N ALA A 277 -11.91 -1.66 -10.88
CA ALA A 277 -12.22 -0.79 -12.01
C ALA A 277 -13.49 0.01 -11.75
N LYS A 278 -14.50 -0.62 -11.12
CA LYS A 278 -15.71 0.11 -10.77
C LYS A 278 -15.43 1.15 -9.70
N GLN A 279 -14.62 0.76 -8.71
CA GLN A 279 -14.33 1.63 -7.58
C GLN A 279 -13.75 2.95 -8.05
N TYR A 280 -12.86 2.90 -9.05
CA TYR A 280 -12.15 4.08 -9.50
C TYR A 280 -12.75 4.65 -10.79
N GLY A 281 -13.90 4.14 -11.21
CA GLY A 281 -14.66 4.76 -12.29
C GLY A 281 -14.20 4.42 -13.69
N LEU A 282 -13.37 3.39 -13.88
CA LEU A 282 -12.95 3.00 -15.22
C LEU A 282 -14.03 2.21 -15.94
N ILE A 283 -14.89 1.60 -15.14
CA ILE A 283 -15.79 0.46 -15.40
C ILE A 283 -15.69 -0.08 -16.78
N MET B 2 -1.49 29.20 -5.55
CA MET B 2 -0.24 28.85 -4.88
C MET B 2 0.44 27.74 -5.64
N GLN B 3 1.75 27.67 -5.53
CA GLN B 3 2.51 26.60 -6.16
C GLN B 3 3.67 26.22 -5.26
N GLY B 4 4.12 24.98 -5.44
CA GLY B 4 5.23 24.46 -4.66
C GLY B 4 4.79 23.96 -3.30
N PHE B 5 5.75 23.97 -2.36
CA PHE B 5 5.57 23.44 -1.03
C PHE B 5 5.40 24.53 0.02
N GLY B 6 4.57 24.25 1.00
CA GLY B 6 4.38 25.16 2.11
C GLY B 6 4.05 24.37 3.35
N VAL B 7 3.84 25.12 4.42
CA VAL B 7 3.51 24.57 5.73
C VAL B 7 2.37 25.38 6.32
N HIS B 8 1.46 24.68 6.95
CA HIS B 8 0.53 25.29 7.89
C HIS B 8 1.31 25.64 9.15
N THR B 9 1.27 26.90 9.57
CA THR B 9 2.17 27.36 10.63
C THR B 9 1.76 26.95 12.05
N SER B 10 0.73 26.12 12.21
CA SER B 10 0.29 25.71 13.54
C SER B 10 1.41 25.11 14.39
N MET B 11 2.43 24.56 13.74
CA MET B 11 3.54 23.95 14.47
C MET B 11 4.37 24.98 15.23
N TRP B 12 4.22 26.26 14.91
CA TRP B 12 4.95 27.35 15.58
C TRP B 12 4.03 28.41 16.14
N THR B 13 2.87 28.58 15.50
CA THR B 13 1.96 29.67 15.84
C THR B 13 0.53 29.34 15.46
N MET B 14 -0.39 29.38 16.44
CA MET B 14 -1.82 29.43 16.13
C MET B 14 -2.40 30.80 16.38
N ASN B 15 -1.74 31.58 17.23
CA ASN B 15 -2.13 32.94 17.55
C ASN B 15 -1.19 33.85 16.76
N TRP B 16 -1.71 34.43 15.68
CA TRP B 16 -0.88 35.19 14.75
C TRP B 16 -0.72 36.62 15.28
N ASP B 17 0.02 36.72 16.38
CA ASP B 17 0.43 38.02 16.90
C ASP B 17 1.83 38.32 16.35
N ARG B 18 2.39 39.46 16.76
CA ARG B 18 3.66 39.87 16.16
C ARG B 18 4.76 38.85 16.39
N PRO B 19 5.03 38.41 17.62
CA PRO B 19 6.11 37.43 17.78
C PRO B 19 5.77 36.11 17.12
N GLY B 20 4.49 35.74 17.07
CA GLY B 20 4.10 34.50 16.43
C GLY B 20 4.34 34.53 14.93
N ALA B 21 3.97 35.64 14.28
CA ALA B 21 4.28 35.82 12.86
C ALA B 21 5.77 35.74 12.61
N GLU B 22 6.58 36.38 13.45
CA GLU B 22 8.03 36.32 13.27
C GLU B 22 8.55 34.89 13.41
N ARG B 23 8.05 34.15 14.40
CA ARG B 23 8.49 32.79 14.64
C ARG B 23 8.14 31.89 13.46
N ALA B 24 6.97 32.10 12.88
CA ALA B 24 6.53 31.26 11.78
C ALA B 24 7.31 31.55 10.51
N VAL B 25 7.55 32.82 10.22
CA VAL B 25 8.31 33.15 9.03
C VAL B 25 9.74 32.66 9.16
N ALA B 26 10.29 32.72 10.38
CA ALA B 26 11.63 32.19 10.63
C ALA B 26 11.69 30.69 10.32
N ALA B 27 10.68 29.95 10.78
CA ALA B 27 10.61 28.52 10.49
C ALA B 27 10.47 28.27 9.00
N ALA B 28 9.63 29.05 8.32
CA ALA B 28 9.45 28.87 6.88
C ALA B 28 10.78 29.01 6.14
N LEU B 29 11.60 29.98 6.53
CA LEU B 29 12.90 30.14 5.90
C LEU B 29 13.83 28.99 6.24
N LYS B 30 13.84 28.56 7.50
CA LYS B 30 14.65 27.42 7.90
C LYS B 30 14.37 26.20 7.03
N TYR B 31 13.10 25.92 6.78
CA TYR B 31 12.72 24.74 6.01
C TYR B 31 12.59 25.02 4.52
N GLU B 32 12.92 26.23 4.08
CA GLU B 32 13.03 26.58 2.66
C GLU B 32 11.74 26.31 1.89
N VAL B 33 10.61 26.72 2.46
CA VAL B 33 9.34 26.49 1.80
C VAL B 33 9.02 27.68 0.90
N ASP B 34 8.05 27.50 0.00
CA ASP B 34 7.59 28.50 -0.93
C ASP B 34 6.49 29.39 -0.37
N PHE B 35 5.70 28.88 0.56
CA PHE B 35 4.58 29.64 1.09
C PHE B 35 4.25 29.16 2.48
N ILE B 36 3.46 29.98 3.21
CA ILE B 36 2.92 29.59 4.50
C ILE B 36 1.38 29.72 4.47
N GLU B 37 0.75 28.88 5.26
CA GLU B 37 -0.67 29.02 5.56
C GLU B 37 -0.83 29.57 6.96
N ILE B 38 -1.49 30.72 7.05
CA ILE B 38 -1.64 31.49 8.29
C ILE B 38 -2.99 31.17 8.93
N PRO B 39 -3.04 30.58 10.12
CA PRO B 39 -4.33 30.41 10.78
C PRO B 39 -4.87 31.73 11.31
N MET B 40 -6.18 31.92 11.15
CA MET B 40 -6.87 33.14 11.59
C MET B 40 -7.87 32.79 12.67
N LEU B 41 -7.36 32.57 13.89
CA LEU B 41 -8.25 32.31 15.01
C LEU B 41 -9.09 33.55 15.36
N ASN B 42 -8.53 34.74 15.15
CA ASN B 42 -9.17 35.98 15.57
C ASN B 42 -8.84 37.06 14.54
N PRO B 43 -9.52 37.05 13.41
CA PRO B 43 -9.10 37.89 12.27
C PRO B 43 -8.94 39.35 12.67
N PRO B 44 -9.84 39.91 13.47
CA PRO B 44 -9.71 41.35 13.81
C PRO B 44 -8.37 41.72 14.42
N ALA B 45 -7.67 40.78 15.07
CA ALA B 45 -6.46 41.07 15.81
C ALA B 45 -5.20 41.03 14.95
N VAL B 46 -5.30 40.64 13.70
CA VAL B 46 -4.13 40.47 12.86
C VAL B 46 -3.59 41.82 12.42
N ASP B 47 -2.28 42.03 12.60
CA ASP B 47 -1.59 43.22 12.07
C ASP B 47 -1.22 42.94 10.62
N THR B 48 -2.01 43.47 9.70
CA THR B 48 -1.84 43.18 8.28
C THR B 48 -0.57 43.79 7.71
N GLU B 49 -0.16 44.95 8.22
CA GLU B 49 0.99 45.61 7.62
C GLU B 49 2.30 44.94 8.03
N HIS B 50 2.43 44.54 9.30
CA HIS B 50 3.60 43.78 9.73
C HIS B 50 3.70 42.47 8.95
N THR B 51 2.59 41.76 8.80
CA THR B 51 2.66 40.49 8.09
C THR B 51 3.02 40.72 6.63
N ARG B 52 2.38 41.69 5.99
CA ARG B 52 2.69 41.97 4.59
C ARG B 52 4.17 42.27 4.39
N ALA B 53 4.73 43.10 5.27
CA ALA B 53 6.13 43.45 5.14
C ALA B 53 7.03 42.24 5.35
N LEU B 54 6.66 41.37 6.30
CA LEU B 54 7.46 40.17 6.53
C LEU B 54 7.46 39.27 5.30
N LEU B 55 6.28 39.06 4.71
CA LEU B 55 6.18 38.19 3.55
C LEU B 55 6.96 38.78 2.39
N GLU B 56 6.79 40.07 2.14
CA GLU B 56 7.45 40.70 0.99
C GLU B 56 8.97 40.70 1.17
N LYS B 57 9.46 41.00 2.36
CA LYS B 57 10.91 41.05 2.56
C LYS B 57 11.53 39.68 2.36
N ASN B 58 10.80 38.62 2.68
CA ASN B 58 11.36 37.28 2.67
C ASN B 58 10.90 36.48 1.46
N GLU B 59 10.25 37.13 0.51
CA GLU B 59 9.90 36.52 -0.76
C GLU B 59 9.02 35.29 -0.54
N LEU B 60 8.11 35.38 0.42
CA LEU B 60 7.24 34.29 0.82
C LEU B 60 5.81 34.61 0.43
N ARG B 61 5.11 33.63 -0.12
CA ARG B 61 3.69 33.78 -0.42
C ARG B 61 2.88 33.19 0.72
N ALA B 62 1.59 33.53 0.74
CA ALA B 62 0.76 33.12 1.85
C ALA B 62 -0.68 33.02 1.43
N LEU B 63 -1.40 32.16 2.14
CA LEU B 63 -2.84 32.17 2.23
C LEU B 63 -3.20 32.03 3.70
N CYS B 64 -4.47 32.22 3.99
CA CYS B 64 -5.03 32.15 5.34
C CYS B 64 -6.08 31.07 5.41
N SER B 65 -6.34 30.59 6.63
CA SER B 65 -7.41 29.62 6.80
C SER B 65 -8.04 29.76 8.18
N LEU B 66 -9.27 29.26 8.29
CA LEU B 66 -10.02 29.33 9.53
C LEU B 66 -11.10 28.27 9.52
N GLY B 67 -11.72 28.09 10.69
CA GLY B 67 -13.03 27.47 10.78
C GLY B 67 -13.96 28.43 11.49
N LEU B 68 -15.26 28.38 11.15
CA LEU B 68 -16.18 29.36 11.72
C LEU B 68 -16.45 29.06 13.19
N PRO B 69 -16.47 30.07 14.05
CA PRO B 69 -16.86 29.82 15.44
C PRO B 69 -18.36 29.60 15.53
N GLU B 70 -18.81 29.04 16.67
CA GLU B 70 -20.19 28.57 16.76
C GLU B 70 -21.19 29.72 16.58
N ARG B 71 -20.86 30.91 17.07
CA ARG B 71 -21.75 32.05 16.88
C ARG B 71 -22.00 32.36 15.41
N ALA B 72 -21.16 31.85 14.51
CA ALA B 72 -21.24 32.17 13.10
C ALA B 72 -21.32 30.94 12.19
N TRP B 73 -21.75 29.80 12.70
CA TRP B 73 -21.84 28.62 11.85
C TRP B 73 -22.82 28.88 10.71
N ALA B 74 -22.34 28.74 9.47
CA ALA B 74 -23.11 29.14 8.30
C ALA B 74 -24.42 28.38 8.14
N SER B 75 -24.48 27.10 8.55
CA SER B 75 -25.66 26.31 8.28
C SER B 75 -26.87 26.82 9.04
N VAL B 76 -26.66 27.50 10.16
CA VAL B 76 -27.74 27.92 11.04
C VAL B 76 -27.73 29.43 11.31
N ARG B 77 -26.59 30.09 11.18
CA ARG B 77 -26.46 31.53 11.45
C ARG B 77 -25.75 32.18 10.27
N PRO B 78 -26.38 32.16 9.10
CA PRO B 78 -25.70 32.61 7.87
C PRO B 78 -25.36 34.07 7.85
N ASP B 79 -26.20 34.94 8.41
CA ASP B 79 -25.85 36.36 8.43
C ASP B 79 -24.56 36.59 9.23
N ALA B 80 -24.46 35.95 10.40
CA ALA B 80 -23.24 36.08 11.20
C ALA B 80 -22.04 35.47 10.49
N ALA B 81 -22.25 34.39 9.73
CA ALA B 81 -21.15 33.79 8.98
C ALA B 81 -20.62 34.75 7.93
N ILE B 82 -21.53 35.39 7.20
CA ILE B 82 -21.11 36.37 6.20
C ILE B 82 -20.28 37.48 6.87
N GLU B 83 -20.75 38.00 8.01
CA GLU B 83 -20.03 39.11 8.66
C GLU B 83 -18.64 38.65 9.11
N HIS B 84 -18.55 37.43 9.63
CA HIS B 84 -17.26 36.93 10.06
C HIS B 84 -16.31 36.73 8.88
N LEU B 85 -16.82 36.14 7.80
CA LEU B 85 -15.97 35.91 6.62
C LEU B 85 -15.52 37.22 5.99
N LYS B 86 -16.38 38.23 5.95
CA LYS B 86 -15.96 39.48 5.32
C LYS B 86 -14.73 40.04 6.03
N VAL B 87 -14.73 40.00 7.37
CA VAL B 87 -13.60 40.52 8.12
C VAL B 87 -12.36 39.70 7.81
N ALA B 88 -12.49 38.37 7.79
CA ALA B 88 -11.36 37.51 7.50
C ALA B 88 -10.83 37.72 6.09
N ILE B 89 -11.73 37.91 5.12
CA ILE B 89 -11.34 38.11 3.73
C ILE B 89 -10.55 39.41 3.60
N ASP B 90 -11.03 40.48 4.24
CA ASP B 90 -10.31 41.75 4.17
C ASP B 90 -8.93 41.62 4.82
N LYS B 91 -8.84 40.95 5.96
CA LYS B 91 -7.54 40.82 6.61
C LYS B 91 -6.60 40.01 5.73
N THR B 92 -7.11 38.94 5.12
CA THR B 92 -6.29 38.11 4.24
C THR B 92 -5.74 38.93 3.08
N ALA B 93 -6.59 39.71 2.43
CA ALA B 93 -6.16 40.49 1.28
C ALA B 93 -5.17 41.56 1.72
N ASP B 94 -5.43 42.19 2.85
CA ASP B 94 -4.58 43.30 3.27
C ASP B 94 -3.19 42.82 3.69
N LEU B 95 -3.07 41.60 4.23
CA LEU B 95 -1.73 41.10 4.56
C LEU B 95 -1.01 40.51 3.35
N GLY B 96 -1.65 40.48 2.19
CA GLY B 96 -1.04 39.96 0.97
C GLY B 96 -1.34 38.51 0.70
N GLY B 97 -2.29 37.92 1.42
CA GLY B 97 -2.64 36.55 1.18
C GLY B 97 -3.46 36.42 -0.09
N GLU B 98 -3.41 35.22 -0.68
CA GLU B 98 -3.99 34.99 -1.98
C GLU B 98 -5.29 34.23 -1.93
N ALA B 99 -5.65 33.71 -0.76
CA ALA B 99 -6.89 32.96 -0.61
C ALA B 99 -7.20 32.83 0.87
N LEU B 100 -8.48 32.60 1.16
CA LEU B 100 -8.95 32.20 2.48
C LEU B 100 -9.56 30.82 2.33
N SER B 101 -9.03 29.85 3.06
CA SER B 101 -9.50 28.48 2.89
C SER B 101 -9.80 27.85 4.24
N GLY B 102 -10.11 26.57 4.25
CA GLY B 102 -10.42 25.89 5.48
C GLY B 102 -11.89 25.60 5.61
N VAL B 103 -12.35 25.50 6.85
CA VAL B 103 -13.77 25.19 7.10
C VAL B 103 -14.49 26.52 7.14
N ILE B 104 -14.58 27.15 5.97
CA ILE B 104 -15.23 28.47 5.86
C ILE B 104 -16.73 28.37 5.72
N TYR B 105 -17.27 27.14 5.65
CA TYR B 105 -18.68 26.87 5.44
C TYR B 105 -19.35 26.35 6.70
N GLY B 106 -18.62 26.25 7.80
CA GLY B 106 -19.18 25.69 8.99
C GLY B 106 -18.11 25.72 10.06
N GLY B 107 -18.28 24.89 11.07
CA GLY B 107 -17.34 24.88 12.16
C GLY B 107 -17.06 23.46 12.64
N ILE B 108 -15.89 23.33 13.25
CA ILE B 108 -15.51 22.08 13.93
C ILE B 108 -16.44 21.90 15.12
N GLY B 109 -17.12 20.75 15.18
CA GLY B 109 -18.09 20.48 16.22
C GLY B 109 -19.55 20.52 15.78
N GLU B 110 -19.83 20.80 14.52
CA GLU B 110 -21.21 20.70 14.04
C GLU B 110 -21.59 19.24 13.85
N ARG B 111 -22.81 18.91 14.29
CA ARG B 111 -23.35 17.56 14.21
C ARG B 111 -24.81 17.59 14.62
N THR B 112 -25.70 17.20 13.72
CA THR B 112 -27.11 17.12 14.05
C THR B 112 -27.55 15.72 14.43
N GLY B 113 -26.77 14.70 14.09
CA GLY B 113 -27.17 13.33 14.28
C GLY B 113 -27.88 12.70 13.10
N VAL B 114 -28.16 13.48 12.06
CA VAL B 114 -28.84 13.00 10.86
C VAL B 114 -28.09 13.55 9.65
N PRO B 115 -28.42 13.09 8.44
CA PRO B 115 -27.69 13.56 7.28
C PRO B 115 -27.91 15.02 7.03
N PRO B 116 -26.97 15.69 6.37
CA PRO B 116 -27.12 17.10 6.05
C PRO B 116 -28.34 17.31 5.17
N THR B 117 -29.02 18.43 5.40
CA THR B 117 -30.29 18.75 4.74
C THR B 117 -30.12 19.84 3.70
N GLU B 118 -31.12 19.91 2.81
CA GLU B 118 -31.11 20.97 1.80
C GLU B 118 -31.18 22.35 2.44
N ALA B 119 -31.88 22.49 3.56
CA ALA B 119 -31.98 23.80 4.21
C ALA B 119 -30.62 24.25 4.74
N GLU B 120 -29.88 23.32 5.35
CA GLU B 120 -28.50 23.61 5.74
C GLU B 120 -27.66 24.03 4.55
N TYR B 121 -27.72 23.25 3.47
CA TYR B 121 -26.88 23.55 2.31
C TYR B 121 -27.28 24.87 1.65
N ASP B 122 -28.58 25.20 1.65
CA ASP B 122 -29.01 26.48 1.09
C ASP B 122 -28.44 27.65 1.88
N ASN B 123 -28.42 27.55 3.21
CA ASN B 123 -27.80 28.61 3.98
C ASN B 123 -26.30 28.69 3.71
N ILE B 124 -25.62 27.54 3.63
CA ILE B 124 -24.19 27.60 3.32
C ILE B 124 -23.96 28.24 1.96
N ALA B 125 -24.79 27.90 0.97
CA ALA B 125 -24.59 28.43 -0.37
C ALA B 125 -24.78 29.94 -0.41
N ARG B 126 -25.77 30.45 0.33
CA ARG B 126 -25.97 31.89 0.41
C ARG B 126 -24.78 32.57 1.05
N VAL B 127 -24.24 31.96 2.11
CA VAL B 127 -23.05 32.49 2.77
C VAL B 127 -21.87 32.52 1.80
N LEU B 128 -21.64 31.41 1.09
CA LEU B 128 -20.45 31.34 0.25
C LEU B 128 -20.59 32.24 -0.96
N SER B 129 -21.83 32.43 -1.44
CA SER B 129 -22.01 33.34 -2.57
C SER B 129 -21.67 34.77 -2.17
N ALA B 130 -22.16 35.20 -1.00
CA ALA B 130 -21.81 36.53 -0.48
C ALA B 130 -20.32 36.65 -0.24
N ALA B 131 -19.72 35.65 0.40
CA ALA B 131 -18.29 35.73 0.70
C ALA B 131 -17.48 35.73 -0.58
N ALA B 132 -17.88 34.92 -1.57
CA ALA B 132 -17.10 34.87 -2.81
C ALA B 132 -17.11 36.22 -3.52
N LYS B 133 -18.24 36.93 -3.45
CA LYS B 133 -18.29 38.26 -4.06
C LYS B 133 -17.36 39.24 -3.36
N HIS B 134 -17.32 39.17 -2.02
CA HIS B 134 -16.40 40.02 -1.27
C HIS B 134 -14.95 39.66 -1.57
N ALA B 135 -14.65 38.36 -1.60
CA ALA B 135 -13.31 37.92 -1.99
C ALA B 135 -12.92 38.44 -3.37
N LYS B 136 -13.83 38.35 -4.34
CA LYS B 136 -13.51 38.85 -5.68
C LYS B 136 -13.21 40.33 -5.64
N SER B 137 -13.95 41.10 -4.83
CA SER B 137 -13.70 42.54 -4.76
C SER B 137 -12.34 42.86 -4.13
N ARG B 138 -11.76 41.95 -3.35
CA ARG B 138 -10.42 42.14 -2.82
C ARG B 138 -9.35 41.33 -3.55
N GLY B 139 -9.70 40.67 -4.66
CA GLY B 139 -8.72 39.98 -5.47
C GLY B 139 -8.22 38.65 -4.95
N ILE B 140 -8.96 37.96 -4.08
CA ILE B 140 -8.51 36.68 -3.56
C ILE B 140 -9.55 35.62 -3.87
N GLU B 141 -9.13 34.37 -3.72
CA GLU B 141 -10.02 33.23 -3.86
C GLU B 141 -10.40 32.68 -2.49
N LEU B 142 -11.40 31.78 -2.51
CA LEU B 142 -11.86 31.08 -1.32
C LEU B 142 -11.68 29.58 -1.55
N GLY B 143 -11.32 28.87 -0.51
CA GLY B 143 -11.18 27.42 -0.57
C GLY B 143 -12.10 26.76 0.44
N VAL B 144 -12.68 25.62 0.04
CA VAL B 144 -13.57 24.83 0.87
C VAL B 144 -12.82 23.54 1.19
N GLU B 145 -12.47 23.34 2.47
CA GLU B 145 -11.79 22.13 2.91
C GLU B 145 -12.79 21.08 3.39
N ALA B 146 -12.79 19.94 2.71
CA ALA B 146 -13.56 18.79 3.17
C ALA B 146 -12.90 18.19 4.39
N VAL B 147 -13.69 17.96 5.45
CA VAL B 147 -13.15 17.43 6.70
C VAL B 147 -13.99 16.22 7.11
N ASN B 148 -13.46 15.41 8.00
CA ASN B 148 -14.12 14.13 8.23
C ASN B 148 -15.43 14.28 9.01
N ARG B 149 -16.21 13.20 8.95
CA ARG B 149 -17.55 13.11 9.51
C ARG B 149 -17.67 13.56 10.96
N TYR B 150 -16.62 13.39 11.74
CA TYR B 150 -16.70 13.73 13.15
C TYR B 150 -16.54 15.21 13.42
N GLU B 151 -15.91 15.93 12.50
CA GLU B 151 -15.64 17.34 12.71
C GLU B 151 -16.78 18.20 12.20
N ASN B 152 -17.45 17.72 11.16
CA ASN B 152 -18.55 18.46 10.56
C ASN B 152 -19.34 17.45 9.73
N HIS B 153 -20.67 17.58 9.70
CA HIS B 153 -21.50 16.60 8.99
C HIS B 153 -21.87 17.03 7.57
N LEU B 154 -21.35 18.16 7.09
CA LEU B 154 -21.85 18.78 5.86
C LEU B 154 -20.99 18.55 4.63
N ILE B 155 -19.66 18.66 4.73
CA ILE B 155 -18.79 18.48 3.57
C ILE B 155 -17.61 17.62 3.97
N ASN B 156 -17.68 16.34 3.64
CA ASN B 156 -16.70 15.35 4.06
C ASN B 156 -15.85 14.78 2.93
N THR B 157 -16.34 14.81 1.70
CA THR B 157 -15.65 14.21 0.57
C THR B 157 -15.35 15.24 -0.50
N GLY B 158 -14.44 14.87 -1.40
CA GLY B 158 -14.21 15.69 -2.58
C GLY B 158 -15.48 15.89 -3.37
N TRP B 159 -16.29 14.83 -3.51
CA TRP B 159 -17.47 14.98 -4.36
C TRP B 159 -18.50 15.90 -3.71
N GLN B 160 -18.64 15.85 -2.38
CA GLN B 160 -19.53 16.80 -1.72
C GLN B 160 -19.03 18.24 -1.88
N ALA B 161 -17.71 18.46 -1.80
CA ALA B 161 -17.16 19.80 -1.96
C ALA B 161 -17.47 20.35 -3.35
N VAL B 162 -17.31 19.52 -4.37
CA VAL B 162 -17.60 19.94 -5.73
C VAL B 162 -19.08 20.26 -5.87
N GLN B 163 -19.95 19.44 -5.30
CA GLN B 163 -21.38 19.75 -5.37
C GLN B 163 -21.67 21.12 -4.77
N MET B 164 -20.98 21.50 -3.70
CA MET B 164 -21.24 22.82 -3.13
C MET B 164 -20.69 23.92 -4.04
N ILE B 165 -19.52 23.71 -4.63
CA ILE B 165 -19.01 24.68 -5.61
C ILE B 165 -20.01 24.86 -6.75
N GLU B 166 -20.58 23.76 -7.23
CA GLU B 166 -21.60 23.88 -8.29
C GLU B 166 -22.85 24.60 -7.79
N ARG B 167 -23.26 24.35 -6.54
CA ARG B 167 -24.46 24.97 -6.00
C ARG B 167 -24.29 26.49 -5.87
N VAL B 168 -23.12 26.94 -5.42
CA VAL B 168 -22.88 28.37 -5.26
C VAL B 168 -22.77 29.08 -6.61
N GLY B 169 -22.09 28.47 -7.56
CA GLY B 169 -21.95 29.07 -8.88
C GLY B 169 -20.96 30.21 -8.99
N ALA B 170 -20.04 30.36 -8.04
CA ALA B 170 -18.98 31.35 -8.14
C ALA B 170 -17.82 30.78 -8.94
N ASP B 171 -16.98 31.65 -9.48
CA ASP B 171 -15.80 31.20 -10.21
C ASP B 171 -14.51 31.30 -9.41
N ASN B 172 -14.57 31.72 -8.14
CA ASN B 172 -13.35 31.94 -7.37
C ASN B 172 -13.35 31.13 -6.07
N ILE B 173 -14.06 30.00 -6.06
CA ILE B 173 -14.01 29.04 -4.95
C ILE B 173 -13.39 27.75 -5.45
N PHE B 174 -12.42 27.23 -4.71
CA PHE B 174 -11.76 25.98 -5.07
C PHE B 174 -11.93 24.95 -3.96
N VAL B 175 -11.57 23.69 -4.28
CA VAL B 175 -11.58 22.61 -3.31
C VAL B 175 -10.20 22.48 -2.69
N HIS B 176 -10.20 22.28 -1.38
CA HIS B 176 -9.04 22.05 -0.53
C HIS B 176 -9.23 20.67 0.10
N LEU B 177 -8.37 19.71 -0.24
CA LEU B 177 -8.43 18.38 0.33
C LEU B 177 -7.35 18.24 1.40
N ASP B 178 -7.53 17.23 2.26
CA ASP B 178 -6.63 16.96 3.37
C ASP B 178 -6.48 15.45 3.50
N THR B 179 -5.24 14.95 3.32
CA THR B 179 -5.02 13.51 3.29
C THR B 179 -5.45 12.82 4.59
N TYR B 180 -5.35 13.50 5.74
CA TYR B 180 -5.85 12.92 6.99
C TYR B 180 -7.36 12.69 6.94
N HIS B 181 -8.10 13.64 6.39
CA HIS B 181 -9.55 13.47 6.28
C HIS B 181 -9.90 12.49 5.18
N MET B 182 -9.16 12.53 4.07
CA MET B 182 -9.46 11.61 2.98
C MET B 182 -9.20 10.16 3.37
N ASN B 183 -8.20 9.95 4.24
CA ASN B 183 -7.88 8.62 4.74
C ASN B 183 -9.07 7.98 5.45
N ILE B 184 -9.96 8.81 6.01
CA ILE B 184 -11.21 8.31 6.58
C ILE B 184 -12.32 8.32 5.55
N GLU B 185 -12.46 9.41 4.79
CA GLU B 185 -13.70 9.61 4.04
C GLU B 185 -13.72 9.02 2.64
N GLU B 186 -12.59 8.89 1.96
CA GLU B 186 -12.61 8.56 0.53
C GLU B 186 -12.54 7.07 0.30
N LYS B 187 -13.32 6.60 -0.69
CA LYS B 187 -13.43 5.18 -0.98
C LYS B 187 -12.27 4.76 -1.88
N GLY B 188 -11.08 4.73 -1.27
CA GLY B 188 -9.83 4.77 -2.01
C GLY B 188 -9.38 6.21 -2.09
N VAL B 189 -8.19 6.49 -1.55
CA VAL B 189 -7.86 7.88 -1.29
C VAL B 189 -7.77 8.68 -2.58
N GLY B 190 -7.29 8.05 -3.67
CA GLY B 190 -7.24 8.74 -4.94
C GLY B 190 -8.59 9.23 -5.45
N ASN B 191 -9.69 8.60 -5.02
CA ASN B 191 -11.00 9.03 -5.49
C ASN B 191 -11.35 10.45 -5.03
N GLY B 192 -10.81 10.91 -3.91
CA GLY B 192 -11.08 12.29 -3.52
C GLY B 192 -10.45 13.28 -4.48
N ILE B 193 -9.22 12.98 -4.92
CA ILE B 193 -8.53 13.81 -5.89
C ILE B 193 -9.22 13.74 -7.25
N LEU B 194 -9.63 12.53 -7.66
CA LEU B 194 -10.33 12.36 -8.93
C LEU B 194 -11.63 13.16 -8.96
N ASP B 195 -12.43 13.03 -7.91
CA ASP B 195 -13.72 13.71 -7.88
C ASP B 195 -13.55 15.22 -7.89
N ALA B 196 -12.49 15.73 -7.28
CA ALA B 196 -12.25 17.17 -7.17
C ALA B 196 -11.38 17.74 -8.28
N ARG B 197 -11.09 16.94 -9.31
CA ARG B 197 -10.00 17.27 -10.22
C ARG B 197 -10.21 18.60 -10.95
N GLU B 198 -11.45 19.01 -11.18
CA GLU B 198 -11.65 20.27 -11.90
C GLU B 198 -11.51 21.50 -11.02
N HIS B 199 -11.43 21.30 -9.70
CA HIS B 199 -11.46 22.40 -8.75
C HIS B 199 -10.36 22.35 -7.71
N LEU B 200 -9.46 21.39 -7.80
CA LEU B 200 -8.49 21.15 -6.73
C LEU B 200 -7.29 22.07 -6.89
N LYS B 201 -7.12 23.00 -5.95
CA LYS B 201 -5.99 23.92 -5.98
C LYS B 201 -5.13 23.86 -4.73
N TYR B 202 -5.46 23.03 -3.75
CA TYR B 202 -4.73 23.05 -2.49
C TYR B 202 -4.94 21.73 -1.77
N ILE B 203 -3.88 21.18 -1.17
CA ILE B 203 -4.01 19.92 -0.44
C ILE B 203 -3.12 19.95 0.81
N HIS B 204 -3.73 19.60 1.94
CA HIS B 204 -3.02 19.35 3.18
C HIS B 204 -2.43 17.94 3.15
N LEU B 205 -1.12 17.86 3.26
CA LEU B 205 -0.37 16.60 3.30
C LEU B 205 -0.12 16.32 4.78
N SER B 206 -0.99 15.50 5.35
CA SER B 206 -1.01 15.23 6.79
C SER B 206 -1.09 13.73 7.02
N GLU B 207 -0.29 13.22 7.94
CA GLU B 207 -0.35 11.80 8.21
C GLU B 207 -1.67 11.45 8.91
N SER B 208 -1.97 10.15 8.88
CA SER B 208 -3.24 9.60 9.34
C SER B 208 -3.52 9.88 10.81
N ASP B 209 -2.48 10.08 11.62
CA ASP B 209 -2.58 10.36 13.05
C ASP B 209 -2.18 11.79 13.38
N ARG B 210 -2.07 12.64 12.36
CA ARG B 210 -1.60 14.02 12.45
C ARG B 210 -0.14 14.13 12.87
N GLY B 211 0.62 13.04 12.80
CA GLY B 211 2.01 13.07 13.20
C GLY B 211 2.97 13.36 12.07
N THR B 212 3.79 12.37 11.71
CA THR B 212 4.87 12.56 10.75
C THR B 212 4.50 11.96 9.41
N PRO B 213 4.33 12.75 8.35
CA PRO B 213 4.09 12.17 7.03
C PRO B 213 5.13 11.12 6.65
N GLY B 214 4.63 9.99 6.16
CA GLY B 214 5.46 8.86 5.79
C GLY B 214 5.35 7.70 6.76
N TYR B 215 4.81 7.94 7.95
CA TYR B 215 4.87 7.01 9.06
C TYR B 215 3.47 6.92 9.67
N GLY B 216 2.58 6.29 8.92
CA GLY B 216 1.20 6.12 9.35
C GLY B 216 0.45 5.19 8.42
N THR B 217 -0.80 5.53 8.10
CA THR B 217 -1.63 4.70 7.27
C THR B 217 -2.14 5.36 5.99
N CYS B 218 -1.72 6.58 5.69
CA CYS B 218 -2.07 7.19 4.41
C CYS B 218 -1.34 6.51 3.24
N GLY B 219 -2.04 6.39 2.11
CA GLY B 219 -1.48 5.79 0.90
C GLY B 219 -0.76 6.83 0.06
N TRP B 220 0.46 7.18 0.47
CA TRP B 220 1.17 8.30 -0.14
C TRP B 220 1.46 8.07 -1.63
N ASP B 221 1.80 6.84 -2.03
CA ASP B 221 2.10 6.63 -3.44
C ASP B 221 0.86 6.88 -4.30
N GLU B 222 -0.28 6.37 -3.87
CA GLU B 222 -1.53 6.65 -4.57
C GLU B 222 -1.84 8.14 -4.61
N ILE B 223 -1.65 8.84 -3.49
CA ILE B 223 -1.93 10.28 -3.43
C ILE B 223 -1.08 11.04 -4.46
N PHE B 224 0.23 10.85 -4.42
CA PHE B 224 1.10 11.64 -5.30
C PHE B 224 0.97 11.22 -6.76
N SER B 225 0.80 9.92 -7.03
CA SER B 225 0.61 9.50 -8.42
C SER B 225 -0.66 10.11 -9.00
N THR B 226 -1.72 10.16 -8.19
CA THR B 226 -2.99 10.68 -8.68
C THR B 226 -2.93 12.19 -8.85
N LEU B 227 -2.27 12.90 -7.92
CA LEU B 227 -2.04 14.33 -8.11
C LEU B 227 -1.28 14.61 -9.41
N ALA B 228 -0.22 13.84 -9.68
CA ALA B 228 0.52 14.04 -10.93
C ALA B 228 -0.37 13.75 -12.13
N ALA B 229 -1.17 12.70 -12.03
CA ALA B 229 -1.96 12.27 -13.17
C ALA B 229 -3.08 13.26 -13.52
N ILE B 230 -3.63 13.99 -12.55
CA ILE B 230 -4.63 15.01 -12.87
C ILE B 230 -3.99 16.34 -13.23
N GLY B 231 -2.66 16.43 -13.18
CA GLY B 231 -1.99 17.66 -13.52
C GLY B 231 -2.08 18.71 -12.43
N PHE B 232 -2.02 18.30 -11.16
CA PHE B 232 -2.15 19.24 -10.07
C PHE B 232 -1.04 20.29 -10.10
N LYS B 233 -1.43 21.56 -10.02
CA LYS B 233 -0.45 22.64 -10.08
C LYS B 233 -0.56 23.61 -8.89
N GLY B 234 -1.29 23.24 -7.85
CA GLY B 234 -1.55 24.10 -6.71
C GLY B 234 -0.61 23.88 -5.54
N GLY B 235 -1.09 24.24 -4.35
CA GLY B 235 -0.26 24.19 -3.15
C GLY B 235 -0.20 22.83 -2.49
N LEU B 236 1.03 22.37 -2.22
CA LEU B 236 1.30 21.18 -1.41
C LEU B 236 1.70 21.66 -0.01
N ALA B 237 0.81 21.53 0.95
CA ALA B 237 1.00 22.13 2.27
C ALA B 237 1.05 21.07 3.35
N MET B 238 2.21 20.95 4.01
CA MET B 238 2.34 20.00 5.10
C MET B 238 1.56 20.49 6.32
N GLU B 239 0.80 19.58 6.95
CA GLU B 239 0.08 19.90 8.18
C GLU B 239 0.38 18.81 9.20
N SER B 240 0.85 19.22 10.38
CA SER B 240 1.04 18.32 11.50
C SER B 240 0.59 19.05 12.76
N PHE B 241 0.08 18.29 13.73
CA PHE B 241 -0.39 18.91 14.96
C PHE B 241 0.69 18.90 16.07
N ILE B 242 1.94 18.58 15.73
CA ILE B 242 3.00 18.64 16.72
C ILE B 242 3.08 20.06 17.27
N ASN B 243 3.18 20.16 18.59
CA ASN B 243 3.37 21.43 19.30
C ASN B 243 2.20 22.39 19.12
N MET B 244 1.03 21.89 18.74
CA MET B 244 -0.14 22.75 18.71
C MET B 244 -0.44 23.23 20.12
N PRO B 245 -0.86 24.48 20.30
CA PRO B 245 -1.30 24.94 21.62
C PRO B 245 -2.40 24.05 22.18
N PRO B 246 -2.33 23.69 23.46
CA PRO B 246 -3.25 22.63 23.97
C PRO B 246 -4.72 22.92 23.72
N GLU B 247 -5.17 24.14 24.03
CA GLU B 247 -6.55 24.54 23.80
C GLU B 247 -7.01 24.17 22.39
N VAL B 248 -6.23 24.54 21.38
CA VAL B 248 -6.63 24.24 20.01
C VAL B 248 -6.55 22.73 19.76
N ALA B 249 -5.49 22.09 20.27
CA ALA B 249 -5.34 20.65 20.07
C ALA B 249 -6.51 19.88 20.65
N TYR B 250 -6.97 20.25 21.85
CA TYR B 250 -8.08 19.51 22.45
C TYR B 250 -9.34 19.62 21.59
N GLY B 251 -9.56 20.77 20.94
CA GLY B 251 -10.71 20.92 20.07
C GLY B 251 -10.68 20.07 18.82
N LEU B 252 -9.51 19.59 18.44
CA LEU B 252 -9.30 18.70 17.31
C LEU B 252 -9.09 17.26 17.76
N ALA B 253 -9.42 16.98 19.01
CA ALA B 253 -9.43 15.63 19.56
C ALA B 253 -8.03 15.04 19.65
N VAL B 254 -7.05 15.90 19.95
CA VAL B 254 -5.69 15.48 20.24
C VAL B 254 -5.59 15.24 21.75
N TRP B 255 -5.64 13.97 22.15
CA TRP B 255 -5.66 13.57 23.54
C TRP B 255 -4.32 13.05 24.03
N ARG B 256 -3.32 13.01 23.16
CA ARG B 256 -2.02 12.44 23.41
C ARG B 256 -1.08 12.92 22.31
N PRO B 257 0.22 12.89 22.55
CA PRO B 257 1.17 13.42 21.55
C PRO B 257 1.03 12.71 20.21
N VAL B 258 1.07 13.50 19.12
CA VAL B 258 1.01 12.94 17.78
C VAL B 258 2.35 12.46 17.25
N ALA B 259 3.45 12.83 17.90
CA ALA B 259 4.80 12.56 17.46
C ALA B 259 5.76 12.94 18.59
N LYS B 260 7.03 12.60 18.43
CA LYS B 260 7.98 12.87 19.51
C LYS B 260 8.26 14.36 19.68
N ASP B 261 8.56 15.06 18.58
CA ASP B 261 8.95 16.46 18.61
C ASP B 261 9.02 16.99 17.18
N GLU B 262 9.34 18.28 17.07
CA GLU B 262 9.45 18.91 15.76
C GLU B 262 10.55 18.27 14.93
N GLU B 263 11.69 17.93 15.56
CA GLU B 263 12.78 17.32 14.81
C GLU B 263 12.31 16.06 14.11
N GLU B 264 11.46 15.26 14.76
CA GLU B 264 10.93 14.07 14.12
C GLU B 264 10.01 14.43 12.97
N VAL B 265 9.05 15.32 13.22
CA VAL B 265 8.03 15.61 12.22
C VAL B 265 8.64 16.30 11.03
N MET B 266 9.39 17.40 11.26
CA MET B 266 9.93 18.16 10.15
C MET B 266 11.16 17.50 9.56
N GLY B 267 11.96 16.85 10.40
CA GLY B 267 13.18 16.25 9.92
C GLY B 267 12.95 14.99 9.12
N ASN B 268 11.86 14.27 9.41
CA ASN B 268 11.52 13.06 8.66
C ASN B 268 10.40 13.29 7.66
N GLY B 269 9.41 14.10 8.07
CA GLY B 269 8.19 14.27 7.28
C GLY B 269 8.32 15.15 6.06
N LEU B 270 8.96 16.31 6.20
CA LEU B 270 9.12 17.19 5.04
C LEU B 270 10.01 16.56 3.97
N PRO B 271 11.17 15.99 4.28
CA PRO B 271 11.92 15.30 3.22
C PRO B 271 11.12 14.20 2.55
N PHE B 272 10.40 13.39 3.32
CA PHE B 272 9.57 12.35 2.74
C PHE B 272 8.62 12.92 1.67
N LEU B 273 7.90 14.00 2.02
CA LEU B 273 6.93 14.58 1.10
C LEU B 273 7.63 15.21 -0.11
N ARG B 274 8.72 15.94 0.12
CA ARG B 274 9.40 16.55 -1.02
C ARG B 274 9.97 15.46 -1.91
N ASN B 275 10.48 14.38 -1.33
CA ASN B 275 11.02 13.29 -2.14
C ASN B 275 9.92 12.64 -2.97
N LYS B 276 8.72 12.48 -2.39
CA LYS B 276 7.62 11.86 -3.13
C LYS B 276 7.15 12.79 -4.23
N ALA B 277 7.12 14.08 -3.98
CA ALA B 277 6.70 15.02 -5.02
C ALA B 277 7.67 14.99 -6.19
N LYS B 278 8.97 14.91 -5.91
CA LYS B 278 9.97 14.74 -6.97
C LYS B 278 9.79 13.42 -7.70
N GLN B 279 9.60 12.34 -6.93
CA GLN B 279 9.48 11.02 -7.52
C GLN B 279 8.39 10.97 -8.58
N TYR B 280 7.24 11.57 -8.30
CA TYR B 280 6.08 11.53 -9.20
C TYR B 280 5.99 12.76 -10.10
N GLY B 281 7.03 13.58 -10.13
CA GLY B 281 7.07 14.68 -11.10
C GLY B 281 6.19 15.87 -10.82
N LEU B 282 5.81 16.12 -9.55
CA LEU B 282 5.09 17.33 -9.20
C LEU B 282 6.04 18.50 -8.91
N ILE B 283 7.20 18.19 -8.32
CA ILE B 283 8.27 19.12 -7.92
C ILE B 283 7.71 20.38 -7.29
N THR C 1 -13.57 -17.79 23.42
CA THR C 1 -12.73 -18.16 22.29
C THR C 1 -13.48 -18.20 20.96
N MET C 2 -14.00 -17.05 20.50
CA MET C 2 -14.61 -17.03 19.18
C MET C 2 -13.54 -17.36 18.14
N GLN C 3 -13.96 -18.04 17.07
CA GLN C 3 -13.03 -18.32 15.98
C GLN C 3 -13.78 -18.33 14.66
N GLY C 4 -13.02 -18.19 13.55
CA GLY C 4 -13.60 -18.07 12.24
C GLY C 4 -14.13 -16.67 11.97
N PHE C 5 -15.09 -16.59 11.04
CA PHE C 5 -15.60 -15.31 10.54
C PHE C 5 -17.00 -15.04 11.08
N GLY C 6 -17.27 -13.78 11.38
CA GLY C 6 -18.54 -13.36 11.93
C GLY C 6 -18.88 -11.98 11.43
N VAL C 7 -20.08 -11.51 11.81
CA VAL C 7 -20.60 -10.24 11.32
C VAL C 7 -21.35 -9.54 12.43
N HIS C 8 -21.08 -8.24 12.60
CA HIS C 8 -21.86 -7.38 13.47
C HIS C 8 -23.24 -7.16 12.84
N THR C 9 -24.31 -7.38 13.62
CA THR C 9 -25.62 -7.52 12.98
C THR C 9 -26.20 -6.19 12.49
N SER C 10 -25.55 -5.04 12.68
CA SER C 10 -25.95 -3.84 11.95
C SER C 10 -25.91 -4.04 10.44
N MET C 11 -25.23 -5.08 9.96
CA MET C 11 -25.25 -5.40 8.55
C MET C 11 -26.68 -5.58 8.07
N TRP C 12 -27.55 -6.02 8.98
CA TRP C 12 -28.86 -6.55 8.62
C TRP C 12 -30.03 -5.98 9.42
N THR C 13 -29.80 -5.47 10.62
CA THR C 13 -30.89 -4.96 11.44
C THR C 13 -30.48 -3.73 12.20
N MET C 14 -31.37 -2.76 12.29
CA MET C 14 -31.05 -1.59 13.10
C MET C 14 -31.25 -1.86 14.60
N ASN C 15 -32.24 -2.67 14.99
CA ASN C 15 -32.40 -3.00 16.41
C ASN C 15 -32.51 -4.50 16.60
N TRP C 16 -32.02 -4.98 17.74
CA TRP C 16 -32.15 -6.40 18.09
C TRP C 16 -33.48 -6.67 18.77
N ASP C 17 -34.56 -6.46 18.02
CA ASP C 17 -35.90 -6.87 18.43
C ASP C 17 -36.18 -8.25 17.84
N ARG C 18 -37.36 -8.81 18.11
CA ARG C 18 -37.65 -10.15 17.60
C ARG C 18 -37.62 -10.21 16.08
N PRO C 19 -38.25 -9.29 15.34
CA PRO C 19 -38.16 -9.38 13.88
C PRO C 19 -36.74 -9.16 13.38
N GLY C 20 -35.97 -8.33 14.08
CA GLY C 20 -34.60 -8.06 13.66
C GLY C 20 -33.68 -9.24 13.89
N ALA C 21 -33.85 -9.93 15.02
CA ALA C 21 -33.11 -11.16 15.26
C ALA C 21 -33.37 -12.21 14.18
N GLU C 22 -34.62 -12.41 13.79
CA GLU C 22 -34.92 -13.41 12.77
C GLU C 22 -34.28 -13.03 11.44
N ARG C 23 -34.39 -11.75 11.06
CA ARG C 23 -33.80 -11.28 9.81
C ARG C 23 -32.29 -11.50 9.80
N ALA C 24 -31.61 -11.10 10.88
CA ALA C 24 -30.15 -11.18 10.90
C ALA C 24 -29.67 -12.63 10.89
N VAL C 25 -30.29 -13.49 11.69
CA VAL C 25 -29.85 -14.89 11.71
C VAL C 25 -30.06 -15.51 10.35
N ALA C 26 -31.18 -15.19 9.68
CA ALA C 26 -31.42 -15.73 8.35
C ALA C 26 -30.35 -15.28 7.36
N ALA C 27 -30.02 -13.99 7.39
CA ALA C 27 -28.98 -13.48 6.51
C ALA C 27 -27.63 -14.12 6.82
N ALA C 28 -27.30 -14.31 8.10
CA ALA C 28 -26.01 -14.90 8.44
C ALA C 28 -25.86 -16.30 7.85
N LEU C 29 -26.95 -17.07 7.81
CA LEU C 29 -26.87 -18.43 7.26
C LEU C 29 -26.59 -18.40 5.77
N LYS C 30 -27.14 -17.42 5.08
CA LYS C 30 -26.93 -17.25 3.66
C LYS C 30 -25.45 -17.06 3.32
N TYR C 31 -24.62 -16.59 4.24
CA TYR C 31 -23.21 -16.33 3.97
C TYR C 31 -22.28 -17.31 4.68
N GLU C 32 -22.83 -18.24 5.46
CA GLU C 32 -22.07 -19.33 6.07
C GLU C 32 -21.00 -18.79 6.99
N VAL C 33 -21.36 -17.76 7.74
CA VAL C 33 -20.45 -17.27 8.76
C VAL C 33 -20.61 -18.14 10.00
N ASP C 34 -19.63 -18.02 10.88
CA ASP C 34 -19.55 -18.87 12.05
C ASP C 34 -20.24 -18.27 13.25
N PHE C 35 -20.37 -16.95 13.30
CA PHE C 35 -20.96 -16.31 14.47
C PHE C 35 -21.48 -14.93 14.07
N ILE C 36 -22.31 -14.38 14.94
CA ILE C 36 -22.77 -13.00 14.80
C ILE C 36 -22.49 -12.26 16.09
N GLU C 37 -22.38 -10.93 15.96
CA GLU C 37 -22.14 -10.04 17.07
C GLU C 37 -23.35 -9.15 17.24
N ILE C 38 -24.01 -9.26 18.38
CA ILE C 38 -25.34 -8.68 18.62
C ILE C 38 -25.20 -7.44 19.50
N PRO C 39 -25.73 -6.27 19.09
CA PRO C 39 -25.67 -5.10 19.97
C PRO C 39 -26.52 -5.28 21.20
N MET C 40 -25.96 -4.92 22.35
CA MET C 40 -26.64 -5.03 23.63
C MET C 40 -26.90 -3.62 24.14
N LEU C 41 -27.69 -2.86 23.38
CA LEU C 41 -27.91 -1.46 23.66
C LEU C 41 -29.18 -1.18 24.46
N ASN C 42 -30.15 -2.07 24.43
CA ASN C 42 -31.38 -1.94 25.23
C ASN C 42 -31.62 -3.29 25.91
N PRO C 43 -30.87 -3.60 26.95
CA PRO C 43 -30.87 -4.98 27.49
C PRO C 43 -32.26 -5.45 27.91
N PRO C 44 -33.06 -4.63 28.61
CA PRO C 44 -34.39 -5.10 29.04
C PRO C 44 -35.33 -5.39 27.88
N ALA C 45 -35.01 -4.92 26.69
CA ALA C 45 -35.83 -5.16 25.52
C ALA C 45 -35.44 -6.41 24.74
N VAL C 46 -34.32 -7.03 25.07
CA VAL C 46 -33.89 -8.19 24.30
C VAL C 46 -34.67 -9.43 24.74
N ASP C 47 -35.24 -10.14 23.77
CA ASP C 47 -35.95 -11.39 24.06
C ASP C 47 -34.91 -12.51 23.97
N THR C 48 -34.35 -12.88 25.12
CA THR C 48 -33.18 -13.75 25.12
C THR C 48 -33.55 -15.17 24.74
N GLU C 49 -34.73 -15.65 25.17
CA GLU C 49 -35.09 -17.02 24.81
C GLU C 49 -35.36 -17.14 23.32
N HIS C 50 -35.91 -16.08 22.71
CA HIS C 50 -36.14 -16.09 21.28
C HIS C 50 -34.83 -16.11 20.51
N THR C 51 -33.87 -15.27 20.90
CA THR C 51 -32.57 -15.27 20.24
C THR C 51 -31.82 -16.57 20.48
N ARG C 52 -31.81 -17.07 21.72
CA ARG C 52 -31.16 -18.34 22.01
C ARG C 52 -31.69 -19.45 21.12
N ALA C 53 -33.02 -19.55 20.99
CA ALA C 53 -33.61 -20.60 20.14
C ALA C 53 -33.16 -20.46 18.70
N LEU C 54 -33.10 -19.22 18.19
CA LEU C 54 -32.67 -19.02 16.81
C LEU C 54 -31.23 -19.46 16.60
N LEU C 55 -30.35 -19.05 17.53
CA LEU C 55 -28.95 -19.41 17.42
C LEU C 55 -28.77 -20.93 17.48
N GLU C 56 -29.41 -21.56 18.46
CA GLU C 56 -29.28 -23.00 18.60
C GLU C 56 -29.87 -23.74 17.41
N LYS C 57 -31.02 -23.28 16.90
CA LYS C 57 -31.63 -23.93 15.75
C LYS C 57 -30.72 -23.87 14.52
N ASN C 58 -30.05 -22.73 14.32
CA ASN C 58 -29.23 -22.53 13.14
C ASN C 58 -27.75 -22.74 13.40
N GLU C 59 -27.40 -23.35 14.54
CA GLU C 59 -26.02 -23.75 14.84
C GLU C 59 -25.05 -22.57 14.69
N LEU C 60 -25.46 -21.43 15.23
CA LEU C 60 -24.71 -20.19 15.10
C LEU C 60 -24.22 -19.75 16.47
N ARG C 61 -22.96 -19.35 16.56
CA ARG C 61 -22.42 -18.82 17.80
C ARG C 61 -22.63 -17.32 17.84
N ALA C 62 -22.48 -16.73 19.04
CA ALA C 62 -22.74 -15.31 19.17
C ALA C 62 -21.95 -14.70 20.32
N LEU C 63 -21.69 -13.41 20.19
CA LEU C 63 -21.29 -12.58 21.30
C LEU C 63 -22.04 -11.26 21.17
N CYS C 64 -21.94 -10.45 22.21
CA CYS C 64 -22.61 -9.15 22.24
C CYS C 64 -21.59 -8.03 22.36
N SER C 65 -21.99 -6.82 21.96
CA SER C 65 -21.16 -5.64 22.16
C SER C 65 -22.06 -4.45 22.47
N LEU C 66 -21.46 -3.41 23.05
CA LEU C 66 -22.22 -2.22 23.39
C LEU C 66 -21.28 -1.02 23.52
N GLY C 67 -21.91 0.14 23.67
CA GLY C 67 -21.27 1.29 24.28
C GLY C 67 -22.17 1.71 25.43
N LEU C 68 -21.55 2.27 26.47
CA LEU C 68 -22.33 2.67 27.65
C LEU C 68 -23.11 3.96 27.36
N PRO C 69 -24.36 4.06 27.81
CA PRO C 69 -25.07 5.34 27.70
C PRO C 69 -24.55 6.35 28.71
N GLU C 70 -24.74 7.63 28.40
CA GLU C 70 -24.08 8.67 29.17
C GLU C 70 -24.42 8.57 30.65
N ARG C 71 -25.65 8.18 30.95
CA ARG C 71 -26.04 8.04 32.34
C ARG C 71 -25.18 7.04 33.09
N ALA C 72 -24.44 6.18 32.37
CA ALA C 72 -23.66 5.11 33.02
C ALA C 72 -22.21 5.07 32.55
N TRP C 73 -21.67 6.19 32.10
CA TRP C 73 -20.28 6.21 31.64
C TRP C 73 -19.34 5.93 32.82
N ALA C 74 -18.48 4.94 32.64
CA ALA C 74 -17.70 4.41 33.76
C ALA C 74 -16.69 5.41 34.30
N SER C 75 -16.21 6.33 33.45
CA SER C 75 -15.17 7.26 33.88
C SER C 75 -15.69 8.28 34.89
N VAL C 76 -17.00 8.53 34.93
CA VAL C 76 -17.56 9.57 35.80
C VAL C 76 -18.73 9.08 36.63
N ARG C 77 -19.43 8.02 36.25
CA ARG C 77 -20.53 7.44 37.01
C ARG C 77 -20.30 5.94 37.12
N PRO C 78 -19.23 5.56 37.84
CA PRO C 78 -18.85 4.13 37.89
C PRO C 78 -19.89 3.21 38.54
N ASP C 79 -20.61 3.66 39.57
CA ASP C 79 -21.61 2.77 40.14
C ASP C 79 -22.73 2.48 39.13
N ALA C 80 -23.18 3.50 38.40
CA ALA C 80 -24.18 3.27 37.37
C ALA C 80 -23.63 2.37 36.27
N ALA C 81 -22.35 2.52 35.93
CA ALA C 81 -21.75 1.68 34.90
C ALA C 81 -21.74 0.21 35.33
N ILE C 82 -21.38 -0.04 36.59
CA ILE C 82 -21.37 -1.43 37.05
C ILE C 82 -22.77 -2.03 36.96
N GLU C 83 -23.79 -1.28 37.38
CA GLU C 83 -25.14 -1.83 37.35
C GLU C 83 -25.59 -2.08 35.92
N HIS C 84 -25.25 -1.17 35.01
CA HIS C 84 -25.59 -1.38 33.61
C HIS C 84 -24.87 -2.59 33.04
N LEU C 85 -23.57 -2.73 33.31
CA LEU C 85 -22.83 -3.86 32.74
C LEU C 85 -23.32 -5.18 33.29
N LYS C 86 -23.74 -5.22 34.56
CA LYS C 86 -24.26 -6.47 35.10
C LYS C 86 -25.50 -6.94 34.36
N VAL C 87 -26.41 -6.00 34.05
CA VAL C 87 -27.61 -6.34 33.28
C VAL C 87 -27.22 -6.80 31.88
N ALA C 88 -26.29 -6.09 31.24
CA ALA C 88 -25.89 -6.47 29.88
C ALA C 88 -25.20 -7.83 29.87
N ILE C 89 -24.41 -8.11 30.89
CA ILE C 89 -23.75 -9.40 30.99
C ILE C 89 -24.78 -10.51 31.19
N ASP C 90 -25.76 -10.27 32.06
CA ASP C 90 -26.79 -11.28 32.28
C ASP C 90 -27.56 -11.57 30.99
N LYS C 91 -27.94 -10.54 30.24
CA LYS C 91 -28.70 -10.78 29.02
C LYS C 91 -27.83 -11.47 27.97
N THR C 92 -26.57 -11.05 27.85
CA THR C 92 -25.65 -11.73 26.94
C THR C 92 -25.57 -13.22 27.24
N ALA C 93 -25.38 -13.57 28.51
CA ALA C 93 -25.29 -14.97 28.88
C ALA C 93 -26.60 -15.71 28.63
N ASP C 94 -27.74 -15.07 28.94
CA ASP C 94 -29.03 -15.74 28.77
C ASP C 94 -29.31 -16.12 27.31
N LEU C 95 -28.87 -15.29 26.37
CA LEU C 95 -29.14 -15.61 24.96
C LEU C 95 -28.10 -16.55 24.39
N GLY C 96 -27.11 -16.94 25.18
CA GLY C 96 -26.09 -17.86 24.73
C GLY C 96 -24.84 -17.20 24.21
N GLY C 97 -24.68 -15.89 24.40
CA GLY C 97 -23.49 -15.20 23.94
C GLY C 97 -22.28 -15.57 24.77
N GLU C 98 -21.11 -15.54 24.13
CA GLU C 98 -19.89 -15.99 24.79
C GLU C 98 -19.04 -14.89 25.35
N ALA C 99 -19.34 -13.64 25.02
CA ALA C 99 -18.58 -12.51 25.55
C ALA C 99 -19.41 -11.26 25.35
N LEU C 100 -19.02 -10.23 26.08
CA LEU C 100 -19.55 -8.87 25.91
C LEU C 100 -18.35 -7.96 25.66
N SER C 101 -18.33 -7.34 24.49
CA SER C 101 -17.18 -6.55 24.09
C SER C 101 -17.60 -5.16 23.62
N GLY C 102 -16.65 -4.41 23.06
CA GLY C 102 -16.95 -3.08 22.59
C GLY C 102 -16.46 -2.01 23.54
N VAL C 103 -17.18 -0.88 23.55
CA VAL C 103 -16.82 0.24 24.40
C VAL C 103 -17.53 0.04 25.73
N ILE C 104 -17.12 -1.01 26.44
CA ILE C 104 -17.73 -1.34 27.73
C ILE C 104 -17.24 -0.47 28.87
N TYR C 105 -16.30 0.46 28.59
CA TYR C 105 -15.66 1.34 29.56
C TYR C 105 -16.08 2.79 29.40
N GLY C 106 -16.98 3.09 28.47
CA GLY C 106 -17.32 4.46 28.22
C GLY C 106 -18.32 4.57 27.11
N GLY C 107 -18.46 5.77 26.59
CA GLY C 107 -19.47 6.07 25.60
C GLY C 107 -18.93 6.14 24.18
N ILE C 108 -19.81 5.84 23.23
CA ILE C 108 -19.54 6.08 21.82
C ILE C 108 -19.93 7.53 21.56
N GLY C 109 -18.94 8.39 21.41
CA GLY C 109 -19.14 9.82 21.43
C GLY C 109 -18.78 10.49 22.75
N GLU C 110 -18.12 9.77 23.67
CA GLU C 110 -17.70 10.36 24.94
C GLU C 110 -16.44 11.21 24.77
N ARG C 111 -16.49 12.40 25.39
CA ARG C 111 -15.52 13.46 25.25
C ARG C 111 -15.64 14.36 26.49
N THR C 112 -14.55 14.61 27.22
CA THR C 112 -14.59 15.68 28.22
C THR C 112 -14.18 17.01 27.63
N GLY C 113 -13.43 16.98 26.54
CA GLY C 113 -12.81 18.16 25.99
C GLY C 113 -11.36 18.32 26.37
N VAL C 114 -10.87 17.51 27.31
CA VAL C 114 -9.44 17.52 27.66
C VAL C 114 -8.91 16.09 27.68
N PRO C 115 -7.60 15.90 27.76
CA PRO C 115 -7.06 14.54 27.76
C PRO C 115 -7.53 13.73 28.95
N PRO C 116 -7.47 12.41 28.86
CA PRO C 116 -7.94 11.57 29.95
C PRO C 116 -7.07 11.70 31.19
N THR C 117 -7.70 11.52 32.35
CA THR C 117 -7.01 11.68 33.63
C THR C 117 -6.87 10.36 34.37
N GLU C 118 -5.91 10.31 35.31
CA GLU C 118 -5.76 9.12 36.13
C GLU C 118 -7.03 8.81 36.92
N ALA C 119 -7.76 9.83 37.36
CA ALA C 119 -8.98 9.58 38.13
C ALA C 119 -10.05 8.90 37.29
N GLU C 120 -10.18 9.31 36.03
CA GLU C 120 -11.05 8.58 35.10
C GLU C 120 -10.62 7.13 34.91
N TYR C 121 -9.31 6.89 34.74
CA TYR C 121 -8.87 5.51 34.56
C TYR C 121 -9.05 4.68 35.81
N ASP C 122 -8.90 5.28 37.01
CA ASP C 122 -9.16 4.56 38.25
C ASP C 122 -10.62 4.10 38.31
N ASN C 123 -11.55 4.98 37.93
CA ASN C 123 -12.96 4.61 37.90
C ASN C 123 -13.21 3.46 36.93
N ILE C 124 -12.66 3.57 35.71
CA ILE C 124 -12.85 2.51 34.72
C ILE C 124 -12.31 1.19 35.24
N ALA C 125 -11.13 1.23 35.87
CA ALA C 125 -10.54 0.00 36.40
C ALA C 125 -11.43 -0.64 37.46
N ARG C 126 -11.97 0.17 38.37
CA ARG C 126 -12.88 -0.36 39.38
C ARG C 126 -14.11 -0.97 38.73
N VAL C 127 -14.68 -0.29 37.73
CA VAL C 127 -15.86 -0.83 37.04
C VAL C 127 -15.52 -2.15 36.37
N LEU C 128 -14.39 -2.21 35.67
CA LEU C 128 -14.08 -3.41 34.91
C LEU C 128 -13.76 -4.57 35.83
N SER C 129 -13.15 -4.30 36.97
CA SER C 129 -12.88 -5.37 37.92
C SER C 129 -14.18 -6.00 38.39
N ALA C 130 -15.15 -5.16 38.77
CA ALA C 130 -16.44 -5.65 39.23
C ALA C 130 -17.19 -6.35 38.11
N ALA C 131 -17.21 -5.76 36.90
CA ALA C 131 -17.87 -6.40 35.78
C ALA C 131 -17.22 -7.74 35.43
N ALA C 132 -15.91 -7.83 35.53
CA ALA C 132 -15.23 -9.07 35.18
C ALA C 132 -15.60 -10.19 36.14
N LYS C 133 -15.78 -9.89 37.43
CA LYS C 133 -16.25 -10.92 38.36
C LYS C 133 -17.65 -11.38 38.00
N HIS C 134 -18.52 -10.44 37.63
CA HIS C 134 -19.87 -10.84 37.26
C HIS C 134 -19.85 -11.67 35.97
N ALA C 135 -19.00 -11.29 35.01
CA ALA C 135 -18.90 -12.06 33.78
C ALA C 135 -18.44 -13.49 34.07
N LYS C 136 -17.47 -13.64 34.99
CA LYS C 136 -16.99 -14.97 35.35
C LYS C 136 -18.12 -15.80 35.95
N SER C 137 -18.97 -15.16 36.76
CA SER C 137 -20.09 -15.86 37.37
C SER C 137 -21.11 -16.34 36.35
N ARG C 138 -21.18 -15.71 35.18
CA ARG C 138 -22.06 -16.17 34.12
C ARG C 138 -21.33 -16.91 33.03
N GLY C 139 -20.01 -17.12 33.17
CA GLY C 139 -19.26 -17.93 32.23
C GLY C 139 -18.92 -17.25 30.92
N ILE C 140 -18.85 -15.92 30.88
CA ILE C 140 -18.50 -15.23 29.65
C ILE C 140 -17.28 -14.36 29.91
N GLU C 141 -16.65 -13.93 28.83
CA GLU C 141 -15.53 -13.00 28.91
C GLU C 141 -15.98 -11.59 28.52
N LEU C 142 -15.12 -10.62 28.84
CA LEU C 142 -15.30 -9.23 28.48
C LEU C 142 -14.21 -8.81 27.51
N GLY C 143 -14.57 -7.96 26.55
CA GLY C 143 -13.61 -7.40 25.62
C GLY C 143 -13.61 -5.88 25.71
N VAL C 144 -12.43 -5.29 25.52
CA VAL C 144 -12.21 -3.84 25.56
C VAL C 144 -11.79 -3.43 24.14
N GLU C 145 -12.66 -2.69 23.45
CA GLU C 145 -12.39 -2.25 22.09
C GLU C 145 -11.81 -0.85 22.11
N ALA C 146 -10.61 -0.69 21.53
CA ALA C 146 -10.04 0.62 21.35
C ALA C 146 -10.77 1.28 20.17
N VAL C 147 -11.21 2.53 20.36
CA VAL C 147 -11.91 3.25 19.30
C VAL C 147 -11.22 4.60 19.13
N ASN C 148 -11.55 5.29 18.03
CA ASN C 148 -10.77 6.48 17.71
C ASN C 148 -11.14 7.69 18.60
N ARG C 149 -10.27 8.70 18.51
CA ARG C 149 -10.28 9.89 19.36
C ARG C 149 -11.61 10.63 19.34
N TYR C 150 -12.36 10.53 18.25
CA TYR C 150 -13.62 11.22 18.14
C TYR C 150 -14.78 10.47 18.77
N GLU C 151 -14.62 9.16 19.01
CA GLU C 151 -15.65 8.38 19.68
C GLU C 151 -15.39 8.20 21.17
N ASN C 152 -14.14 8.36 21.61
CA ASN C 152 -13.86 8.21 23.02
C ASN C 152 -12.49 8.79 23.29
N HIS C 153 -12.30 9.41 24.45
CA HIS C 153 -11.01 10.02 24.74
C HIS C 153 -10.11 9.16 25.62
N LEU C 154 -10.57 7.97 26.02
CA LEU C 154 -9.87 7.21 27.05
C LEU C 154 -9.01 6.07 26.52
N ILE C 155 -9.51 5.27 25.57
CA ILE C 155 -8.80 4.10 25.07
C ILE C 155 -8.88 4.12 23.55
N ASN C 156 -7.78 4.53 22.91
CA ASN C 156 -7.75 4.72 21.47
C ASN C 156 -6.82 3.78 20.74
N THR C 157 -5.84 3.20 21.41
CA THR C 157 -4.82 2.36 20.80
C THR C 157 -4.79 0.98 21.47
N GLY C 158 -4.22 0.03 20.74
CA GLY C 158 -3.93 -1.26 21.34
C GLY C 158 -3.10 -1.14 22.61
N TRP C 159 -2.11 -0.25 22.61
CA TRP C 159 -1.25 -0.14 23.79
C TRP C 159 -2.04 0.39 24.99
N GLN C 160 -2.94 1.35 24.78
CA GLN C 160 -3.76 1.82 25.90
C GLN C 160 -4.69 0.73 26.40
N ALA C 161 -5.26 -0.06 25.48
CA ALA C 161 -6.15 -1.15 25.88
C ALA C 161 -5.42 -2.16 26.76
N VAL C 162 -4.20 -2.53 26.36
CA VAL C 162 -3.39 -3.46 27.15
C VAL C 162 -3.08 -2.88 28.51
N GLN C 163 -2.78 -1.59 28.57
CA GLN C 163 -2.49 -0.98 29.86
C GLN C 163 -3.69 -1.10 30.81
N MET C 164 -4.91 -0.98 30.28
CA MET C 164 -6.07 -1.10 31.13
C MET C 164 -6.28 -2.54 31.56
N ILE C 165 -6.11 -3.50 30.66
CA ILE C 165 -6.24 -4.91 31.03
C ILE C 165 -5.23 -5.25 32.13
N GLU C 166 -4.00 -4.76 32.01
CA GLU C 166 -3.00 -5.01 33.04
C GLU C 166 -3.38 -4.33 34.35
N ARG C 167 -3.88 -3.09 34.29
CA ARG C 167 -4.27 -2.37 35.50
C ARG C 167 -5.34 -3.14 36.25
N VAL C 168 -6.33 -3.70 35.52
CA VAL C 168 -7.45 -4.36 36.17
C VAL C 168 -7.01 -5.71 36.77
N GLY C 169 -6.11 -6.40 36.09
CA GLY C 169 -5.58 -7.64 36.61
C GLY C 169 -6.51 -8.83 36.53
N ALA C 170 -7.57 -8.76 35.74
CA ALA C 170 -8.47 -9.88 35.56
C ALA C 170 -8.08 -10.68 34.33
N ASP C 171 -8.14 -12.00 34.46
CA ASP C 171 -7.74 -12.90 33.38
C ASP C 171 -8.83 -13.17 32.36
N ASN C 172 -10.02 -12.59 32.50
CA ASN C 172 -11.11 -12.84 31.56
C ASN C 172 -11.51 -11.60 30.76
N ILE C 173 -10.60 -10.64 30.63
CA ILE C 173 -10.79 -9.48 29.77
C ILE C 173 -9.76 -9.55 28.65
N PHE C 174 -10.22 -9.45 27.41
CA PHE C 174 -9.35 -9.44 26.24
C PHE C 174 -9.41 -8.09 25.53
N VAL C 175 -8.45 -7.89 24.61
CA VAL C 175 -8.42 -6.72 23.75
C VAL C 175 -9.13 -7.03 22.43
N HIS C 176 -9.86 -6.04 21.96
CA HIS C 176 -10.67 -6.09 20.75
C HIS C 176 -10.19 -4.91 19.93
N LEU C 177 -9.61 -5.17 18.76
CA LEU C 177 -9.18 -4.10 17.87
C LEU C 177 -10.14 -3.96 16.69
N ASP C 178 -10.04 -2.82 16.01
CA ASP C 178 -10.94 -2.48 14.91
C ASP C 178 -10.15 -1.72 13.86
N THR C 179 -10.07 -2.28 12.65
CA THR C 179 -9.19 -1.73 11.63
C THR C 179 -9.63 -0.32 11.22
N TYR C 180 -10.93 -0.01 11.30
CA TYR C 180 -11.38 1.34 11.01
C TYR C 180 -10.81 2.33 12.02
N HIS C 181 -10.82 1.95 13.29
CA HIS C 181 -10.23 2.81 14.32
C HIS C 181 -8.71 2.84 14.24
N MET C 182 -8.07 1.68 14.01
CA MET C 182 -6.62 1.67 13.93
C MET C 182 -6.11 2.48 12.74
N ASN C 183 -6.88 2.53 11.65
CA ASN C 183 -6.54 3.33 10.48
C ASN C 183 -6.32 4.79 10.84
N ILE C 184 -6.97 5.28 11.91
CA ILE C 184 -6.78 6.63 12.42
C ILE C 184 -5.73 6.67 13.52
N GLU C 185 -5.80 5.76 14.49
CA GLU C 185 -5.07 5.90 15.73
C GLU C 185 -3.67 5.29 15.74
N GLU C 186 -3.41 4.23 14.96
CA GLU C 186 -2.15 3.49 15.08
C GLU C 186 -1.11 4.03 14.10
N LYS C 187 0.10 4.22 14.61
CA LYS C 187 1.19 4.81 13.84
C LYS C 187 1.78 3.68 13.00
N GLY C 188 1.06 3.33 11.94
CA GLY C 188 1.29 2.09 11.25
C GLY C 188 0.34 1.06 11.83
N VAL C 189 -0.56 0.53 11.00
CA VAL C 189 -1.67 -0.25 11.54
C VAL C 189 -1.16 -1.49 12.26
N GLY C 190 -0.08 -2.11 11.77
CA GLY C 190 0.42 -3.30 12.43
C GLY C 190 0.84 -3.08 13.88
N ASN C 191 1.22 -1.85 14.22
CA ASN C 191 1.61 -1.56 15.61
C ASN C 191 0.48 -1.80 16.61
N GLY C 192 -0.77 -1.60 16.22
CA GLY C 192 -1.86 -1.89 17.15
C GLY C 192 -1.94 -3.37 17.45
N ILE C 193 -1.78 -4.20 16.42
CA ILE C 193 -1.78 -5.64 16.56
C ILE C 193 -0.58 -6.09 17.39
N LEU C 194 0.61 -5.55 17.07
CA LEU C 194 1.81 -5.92 17.82
C LEU C 194 1.65 -5.56 19.30
N ASP C 195 1.16 -4.34 19.58
CA ASP C 195 1.08 -3.88 20.96
C ASP C 195 0.08 -4.72 21.75
N ALA C 196 -0.96 -5.22 21.09
CA ALA C 196 -2.03 -5.95 21.76
C ALA C 196 -1.85 -7.47 21.70
N ARG C 197 -0.71 -7.95 21.22
CA ARG C 197 -0.58 -9.34 20.80
C ARG C 197 -0.81 -10.33 21.94
N GLU C 198 -0.54 -9.96 23.18
CA GLU C 198 -0.70 -10.93 24.27
C GLU C 198 -2.15 -11.06 24.71
N HIS C 199 -3.02 -10.15 24.28
CA HIS C 199 -4.40 -10.11 24.75
C HIS C 199 -5.42 -10.05 23.63
N LEU C 200 -4.98 -10.09 22.38
CA LEU C 200 -5.88 -9.85 21.25
C LEU C 200 -6.64 -11.12 20.91
N LYS C 201 -7.97 -11.09 21.09
CA LYS C 201 -8.82 -12.23 20.81
C LYS C 201 -9.95 -11.93 19.82
N TYR C 202 -10.04 -10.72 19.30
CA TYR C 202 -11.17 -10.36 18.46
C TYR C 202 -10.80 -9.12 17.66
N ILE C 203 -11.14 -9.10 16.39
CA ILE C 203 -10.83 -7.93 15.58
C ILE C 203 -11.98 -7.65 14.61
N HIS C 204 -12.37 -6.37 14.55
CA HIS C 204 -13.31 -5.87 13.55
C HIS C 204 -12.50 -5.57 12.30
N LEU C 205 -12.76 -6.32 11.22
CA LEU C 205 -12.20 -6.06 9.91
C LEU C 205 -13.18 -5.14 9.16
N SER C 206 -13.03 -3.87 9.44
CA SER C 206 -13.96 -2.84 9.03
C SER C 206 -13.22 -1.84 8.15
N GLU C 207 -13.78 -1.53 6.99
CA GLU C 207 -13.08 -0.64 6.06
C GLU C 207 -13.06 0.79 6.62
N SER C 208 -12.16 1.58 6.03
CA SER C 208 -11.79 2.88 6.54
C SER C 208 -12.95 3.86 6.58
N ASP C 209 -13.94 3.68 5.69
CA ASP C 209 -15.14 4.51 5.66
C ASP C 209 -16.38 3.75 6.13
N ARG C 210 -16.17 2.62 6.83
CA ARG C 210 -17.19 1.67 7.28
C ARG C 210 -17.91 0.95 6.14
N GLY C 211 -17.41 1.06 4.92
CA GLY C 211 -17.99 0.41 3.76
C GLY C 211 -17.50 -0.99 3.48
N THR C 212 -17.13 -1.27 2.24
CA THR C 212 -16.82 -2.65 1.87
C THR C 212 -15.33 -2.93 2.09
N PRO C 213 -14.97 -3.92 2.89
CA PRO C 213 -13.54 -4.26 3.03
C PRO C 213 -12.90 -4.58 1.70
N GLY C 214 -11.74 -3.96 1.48
CA GLY C 214 -11.01 -4.09 0.25
C GLY C 214 -11.14 -2.89 -0.66
N TYR C 215 -12.03 -1.97 -0.35
CA TYR C 215 -12.33 -0.81 -1.20
C TYR C 215 -12.31 0.48 -0.37
N GLY C 216 -11.25 0.63 0.44
CA GLY C 216 -10.99 1.85 1.20
C GLY C 216 -9.49 2.10 1.34
N THR C 217 -9.06 2.53 2.52
CA THR C 217 -7.67 2.89 2.74
C THR C 217 -7.00 2.07 3.82
N CYS C 218 -7.66 1.05 4.36
CA CYS C 218 -6.99 0.16 5.32
C CYS C 218 -5.89 -0.64 4.64
N GLY C 219 -4.77 -0.82 5.36
CA GLY C 219 -3.64 -1.58 4.88
C GLY C 219 -3.83 -3.07 5.12
N TRP C 220 -4.63 -3.71 4.29
CA TRP C 220 -5.06 -5.09 4.57
C TRP C 220 -3.90 -6.09 4.56
N ASP C 221 -2.94 -5.94 3.64
CA ASP C 221 -1.86 -6.92 3.60
C ASP C 221 -1.02 -6.85 4.87
N GLU C 222 -0.75 -5.63 5.34
CA GLU C 222 -0.07 -5.45 6.62
C GLU C 222 -0.89 -6.04 7.77
N ILE C 223 -2.20 -5.80 7.79
CA ILE C 223 -3.08 -6.33 8.83
C ILE C 223 -3.01 -7.85 8.89
N PHE C 224 -3.23 -8.50 7.74
CA PHE C 224 -3.28 -9.96 7.73
C PHE C 224 -1.92 -10.56 7.96
N SER C 225 -0.85 -9.96 7.41
CA SER C 225 0.48 -10.50 7.66
C SER C 225 0.81 -10.45 9.15
N THR C 226 0.47 -9.36 9.83
CA THR C 226 0.81 -9.21 11.25
C THR C 226 -0.05 -10.11 12.11
N LEU C 227 -1.34 -10.25 11.76
CA LEU C 227 -2.17 -11.22 12.47
C LEU C 227 -1.58 -12.61 12.39
N ALA C 228 -1.15 -13.02 11.18
CA ALA C 228 -0.55 -14.33 11.02
C ALA C 228 0.71 -14.45 11.83
N ALA C 229 1.53 -13.38 11.82
CA ALA C 229 2.82 -13.42 12.50
C ALA C 229 2.67 -13.59 14.00
N ILE C 230 1.63 -12.99 14.61
CA ILE C 230 1.47 -13.08 16.04
C ILE C 230 0.67 -14.31 16.45
N GLY C 231 0.25 -15.12 15.49
CA GLY C 231 -0.48 -16.33 15.77
C GLY C 231 -1.91 -16.05 16.21
N PHE C 232 -2.56 -15.06 15.61
CA PHE C 232 -3.93 -14.73 15.98
C PHE C 232 -4.87 -15.90 15.72
N LYS C 233 -5.72 -16.21 16.71
CA LYS C 233 -6.62 -17.35 16.59
C LYS C 233 -8.06 -17.05 17.01
N GLY C 234 -8.43 -15.79 17.19
CA GLY C 234 -9.77 -15.40 17.64
C GLY C 234 -10.73 -15.03 16.52
N GLY C 235 -11.73 -14.22 16.87
CA GLY C 235 -12.79 -13.94 15.91
C GLY C 235 -12.39 -12.85 14.92
N LEU C 236 -12.74 -13.07 13.65
CA LEU C 236 -12.54 -12.11 12.57
C LEU C 236 -13.93 -11.63 12.15
N ALA C 237 -14.27 -10.39 12.43
CA ALA C 237 -15.66 -9.97 12.33
C ALA C 237 -15.82 -8.72 11.48
N MET C 238 -16.80 -8.75 10.58
CA MET C 238 -17.13 -7.60 9.77
C MET C 238 -17.99 -6.60 10.54
N GLU C 239 -17.80 -5.32 10.21
CA GLU C 239 -18.59 -4.25 10.80
C GLU C 239 -18.81 -3.18 9.73
N SER C 240 -20.04 -3.09 9.24
CA SER C 240 -20.39 -2.11 8.21
C SER C 240 -21.80 -1.63 8.52
N PHE C 241 -21.97 -0.31 8.67
CA PHE C 241 -23.23 0.23 9.18
C PHE C 241 -24.21 0.49 8.03
N ILE C 242 -24.61 -0.62 7.40
CA ILE C 242 -25.75 -0.60 6.47
C ILE C 242 -26.99 -0.11 7.19
N ASN C 243 -27.19 -0.57 8.42
CA ASN C 243 -28.20 -0.12 9.35
C ASN C 243 -27.50 0.47 10.56
N MET C 244 -28.13 1.44 11.19
CA MET C 244 -27.49 2.19 12.25
C MET C 244 -28.33 2.06 13.52
N PRO C 245 -27.86 1.40 14.56
CA PRO C 245 -28.63 1.36 15.82
C PRO C 245 -28.84 2.77 16.34
N PRO C 246 -30.07 3.16 16.64
CA PRO C 246 -30.32 4.58 16.95
C PRO C 246 -29.58 5.10 18.18
N GLU C 247 -29.36 4.26 19.20
CA GLU C 247 -28.75 4.74 20.44
C GLU C 247 -27.28 5.14 20.29
N VAL C 248 -26.59 4.73 19.21
CA VAL C 248 -25.20 5.10 18.96
C VAL C 248 -25.01 5.87 17.67
N ALA C 249 -26.07 6.18 16.93
CA ALA C 249 -25.88 6.85 15.65
C ALA C 249 -25.13 8.17 15.78
N TYR C 250 -25.46 8.97 16.78
CA TYR C 250 -24.83 10.27 16.90
C TYR C 250 -23.33 10.13 17.05
N GLY C 251 -22.88 9.09 17.77
CA GLY C 251 -21.45 8.92 17.99
C GLY C 251 -20.71 8.26 16.84
N LEU C 252 -21.40 7.42 16.05
CA LEU C 252 -20.75 6.67 14.97
C LEU C 252 -20.58 7.50 13.69
N ALA C 253 -21.41 8.52 13.50
CA ALA C 253 -21.20 9.57 12.49
C ALA C 253 -21.28 9.02 11.06
N VAL C 254 -22.33 8.23 10.79
CA VAL C 254 -22.61 7.73 9.45
C VAL C 254 -23.69 8.64 8.87
N TRP C 255 -23.30 9.62 8.05
CA TRP C 255 -24.21 10.65 7.58
C TRP C 255 -24.66 10.43 6.14
N ARG C 256 -24.17 9.38 5.52
CA ARG C 256 -24.40 9.06 4.11
C ARG C 256 -24.14 7.57 4.00
N PRO C 257 -24.71 6.88 3.02
CA PRO C 257 -24.56 5.44 2.96
C PRO C 257 -23.11 5.00 2.86
N VAL C 258 -22.78 3.96 3.62
CA VAL C 258 -21.43 3.41 3.57
C VAL C 258 -21.20 2.54 2.33
N ALA C 259 -22.27 2.08 1.69
CA ALA C 259 -22.25 1.21 0.52
C ALA C 259 -23.70 1.09 0.04
N LYS C 260 -23.88 0.47 -1.12
CA LYS C 260 -25.22 0.37 -1.71
C LYS C 260 -26.18 -0.37 -0.78
N ASP C 261 -25.77 -1.55 -0.32
CA ASP C 261 -26.64 -2.40 0.49
C ASP C 261 -25.79 -3.53 1.04
N GLU C 262 -26.44 -4.37 1.86
CA GLU C 262 -25.72 -5.48 2.49
C GLU C 262 -25.25 -6.49 1.46
N GLU C 263 -25.98 -6.64 0.35
CA GLU C 263 -25.55 -7.57 -0.69
C GLU C 263 -24.20 -7.18 -1.27
N GLU C 264 -23.96 -5.89 -1.45
CA GLU C 264 -22.67 -5.44 -1.96
C GLU C 264 -21.55 -5.65 -0.93
N VAL C 265 -21.79 -5.29 0.32
CA VAL C 265 -20.73 -5.42 1.32
C VAL C 265 -20.42 -6.89 1.59
N MET C 266 -21.45 -7.72 1.74
CA MET C 266 -21.19 -9.13 2.03
C MET C 266 -20.74 -9.86 0.79
N GLY C 267 -21.26 -9.46 -0.37
CA GLY C 267 -20.92 -10.16 -1.60
C GLY C 267 -19.51 -9.91 -2.06
N ASN C 268 -18.97 -8.70 -1.82
CA ASN C 268 -17.61 -8.35 -2.20
C ASN C 268 -16.63 -8.36 -1.04
N GLY C 269 -17.08 -7.95 0.15
CA GLY C 269 -16.18 -7.80 1.27
C GLY C 269 -15.84 -9.10 1.96
N LEU C 270 -16.82 -9.97 2.15
CA LEU C 270 -16.51 -11.18 2.88
C LEU C 270 -15.56 -12.09 2.10
N PRO C 271 -15.75 -12.26 0.79
CA PRO C 271 -14.80 -13.11 0.03
C PRO C 271 -13.40 -12.52 0.04
N PHE C 272 -13.28 -11.20 -0.11
CA PHE C 272 -11.97 -10.55 0.00
C PHE C 272 -11.30 -10.93 1.31
N LEU C 273 -12.03 -10.80 2.43
CA LEU C 273 -11.40 -11.05 3.72
C LEU C 273 -11.10 -12.54 3.90
N ARG C 274 -12.00 -13.42 3.46
CA ARG C 274 -11.71 -14.83 3.56
C ARG C 274 -10.51 -15.20 2.71
N ASN C 275 -10.41 -14.60 1.52
CA ASN C 275 -9.28 -14.89 0.65
C ASN C 275 -7.97 -14.40 1.23
N LYS C 276 -7.97 -13.22 1.88
CA LYS C 276 -6.78 -12.71 2.57
C LYS C 276 -6.39 -13.60 3.75
N ALA C 277 -7.38 -14.05 4.54
CA ALA C 277 -7.08 -14.94 5.65
C ALA C 277 -6.43 -16.24 5.16
N LYS C 278 -6.91 -16.76 4.03
CA LYS C 278 -6.29 -17.96 3.46
C LYS C 278 -4.88 -17.65 2.95
N GLN C 279 -4.75 -16.53 2.25
CA GLN C 279 -3.47 -16.14 1.67
C GLN C 279 -2.36 -16.09 2.71
N TYR C 280 -2.65 -15.53 3.89
CA TYR C 280 -1.65 -15.38 4.94
C TYR C 280 -1.72 -16.49 5.97
N GLY C 281 -2.50 -17.54 5.70
CA GLY C 281 -2.43 -18.73 6.51
C GLY C 281 -3.00 -18.60 7.90
N LEU C 282 -4.00 -17.73 8.07
CA LEU C 282 -4.78 -17.69 9.31
C LEU C 282 -5.76 -18.85 9.34
N ILE C 283 -6.62 -18.91 8.31
CA ILE C 283 -7.64 -19.94 8.12
C ILE C 283 -7.07 -21.07 7.25
N MET D 2 24.97 -11.00 13.35
CA MET D 2 24.95 -9.66 12.74
C MET D 2 23.72 -8.91 13.19
N GLN D 3 23.90 -7.64 13.52
CA GLN D 3 22.86 -6.81 14.14
C GLN D 3 22.99 -5.40 13.59
N GLY D 4 21.88 -4.67 13.62
CA GLY D 4 21.90 -3.31 13.17
C GLY D 4 21.82 -3.22 11.66
N PHE D 5 22.32 -2.08 11.15
CA PHE D 5 22.20 -1.71 9.75
C PHE D 5 23.54 -1.83 9.04
N GLY D 6 23.48 -2.37 7.82
CA GLY D 6 24.66 -2.54 7.00
C GLY D 6 24.37 -2.24 5.54
N VAL D 7 25.43 -2.32 4.72
CA VAL D 7 25.33 -1.96 3.30
C VAL D 7 26.18 -2.93 2.48
N HIS D 8 25.60 -3.45 1.41
CA HIS D 8 26.36 -4.21 0.43
C HIS D 8 27.27 -3.25 -0.33
N THR D 9 28.55 -3.59 -0.46
CA THR D 9 29.52 -2.58 -0.90
C THR D 9 29.43 -2.22 -2.39
N SER D 10 28.56 -2.86 -3.20
CA SER D 10 28.28 -2.34 -4.53
C SER D 10 27.75 -0.92 -4.50
N MET D 11 27.27 -0.46 -3.33
CA MET D 11 26.90 0.95 -3.17
C MET D 11 28.04 1.88 -3.56
N TRP D 12 29.28 1.43 -3.37
CA TRP D 12 30.46 2.28 -3.42
C TRP D 12 31.59 1.78 -4.29
N THR D 13 31.67 0.48 -4.58
CA THR D 13 32.75 -0.07 -5.36
C THR D 13 32.30 -1.19 -6.28
N MET D 14 32.84 -1.19 -7.49
CA MET D 14 32.57 -2.27 -8.43
C MET D 14 33.31 -3.55 -8.05
N ASN D 15 34.55 -3.43 -7.62
CA ASN D 15 35.48 -4.55 -7.41
C ASN D 15 36.00 -4.48 -5.98
N TRP D 16 36.07 -5.61 -5.25
CA TRP D 16 36.70 -5.56 -3.92
C TRP D 16 38.22 -5.78 -4.03
N ASP D 17 38.85 -4.79 -4.63
CA ASP D 17 40.30 -4.70 -4.69
C ASP D 17 40.75 -3.72 -3.60
N ARG D 18 42.06 -3.51 -3.46
CA ARG D 18 42.50 -2.64 -2.37
C ARG D 18 41.94 -1.23 -2.48
N PRO D 19 42.03 -0.55 -3.62
CA PRO D 19 41.46 0.80 -3.67
C PRO D 19 39.96 0.80 -3.39
N GLY D 20 39.26 -0.24 -3.86
CA GLY D 20 37.84 -0.31 -3.65
C GLY D 20 37.48 -0.52 -2.19
N ALA D 21 38.24 -1.38 -1.51
CA ALA D 21 38.01 -1.60 -0.09
C ALA D 21 38.14 -0.30 0.70
N GLU D 22 39.21 0.45 0.43
CA GLU D 22 39.40 1.74 1.10
C GLU D 22 38.23 2.68 0.86
N ARG D 23 37.81 2.81 -0.40
CA ARG D 23 36.71 3.69 -0.77
C ARG D 23 35.42 3.29 -0.07
N ALA D 24 35.11 2.00 -0.04
CA ALA D 24 33.87 1.53 0.59
C ALA D 24 33.88 1.75 2.09
N VAL D 25 34.99 1.44 2.76
CA VAL D 25 35.03 1.60 4.20
C VAL D 25 34.91 3.08 4.58
N ALA D 26 35.57 3.96 3.82
CA ALA D 26 35.45 5.39 4.11
C ALA D 26 34.03 5.87 3.92
N ALA D 27 33.38 5.42 2.85
CA ALA D 27 31.99 5.82 2.63
C ALA D 27 31.09 5.29 3.73
N ALA D 28 31.30 4.04 4.17
CA ALA D 28 30.46 3.50 5.22
C ALA D 28 30.57 4.34 6.48
N LEU D 29 31.75 4.90 6.76
CA LEU D 29 31.93 5.71 7.96
C LEU D 29 31.08 6.95 7.91
N LYS D 30 30.91 7.51 6.72
CA LYS D 30 30.10 8.69 6.54
C LYS D 30 28.65 8.48 6.96
N TYR D 31 28.17 7.24 7.03
CA TYR D 31 26.76 6.97 7.28
C TYR D 31 26.51 6.27 8.60
N GLU D 32 27.55 5.91 9.33
CA GLU D 32 27.38 5.39 10.68
C GLU D 32 26.68 4.03 10.68
N VAL D 33 26.86 3.27 9.62
CA VAL D 33 26.32 1.92 9.60
C VAL D 33 27.21 1.03 10.46
N ASP D 34 26.67 -0.12 10.82
CA ASP D 34 27.32 -1.04 11.75
C ASP D 34 28.17 -2.09 11.04
N PHE D 35 27.89 -2.39 9.79
CA PHE D 35 28.63 -3.43 9.10
C PHE D 35 28.52 -3.22 7.60
N ILE D 36 29.42 -3.88 6.88
CA ILE D 36 29.33 -3.95 5.42
C ILE D 36 29.33 -5.41 4.96
N GLU D 37 28.78 -5.60 3.76
CA GLU D 37 28.71 -6.90 3.11
C GLU D 37 29.56 -6.84 1.85
N ILE D 38 30.59 -7.68 1.81
CA ILE D 38 31.68 -7.64 0.84
C ILE D 38 31.51 -8.78 -0.15
N PRO D 39 31.44 -8.54 -1.45
CA PRO D 39 31.37 -9.65 -2.41
C PRO D 39 32.65 -10.48 -2.39
N MET D 40 32.48 -11.80 -2.43
CA MET D 40 33.59 -12.74 -2.44
C MET D 40 33.58 -13.46 -3.79
N LEU D 41 33.69 -12.68 -4.87
CA LEU D 41 33.51 -13.19 -6.22
C LEU D 41 34.80 -13.65 -6.90
N ASN D 42 35.96 -13.20 -6.44
CA ASN D 42 37.25 -13.69 -6.93
C ASN D 42 38.13 -13.90 -5.70
N PRO D 43 37.91 -14.98 -4.96
CA PRO D 43 38.56 -15.15 -3.65
C PRO D 43 40.07 -14.97 -3.66
N PRO D 44 40.82 -15.56 -4.62
CA PRO D 44 42.29 -15.37 -4.59
C PRO D 44 42.74 -13.95 -4.83
N ALA D 45 41.87 -13.08 -5.30
CA ALA D 45 42.23 -11.69 -5.52
C ALA D 45 41.98 -10.79 -4.30
N VAL D 46 41.33 -11.28 -3.25
CA VAL D 46 41.01 -10.45 -2.09
C VAL D 46 42.24 -10.36 -1.19
N ASP D 47 42.65 -9.14 -0.87
CA ASP D 47 43.74 -8.90 0.07
C ASP D 47 43.11 -8.87 1.46
N THR D 48 43.13 -10.03 2.14
CA THR D 48 42.41 -10.13 3.41
C THR D 48 43.11 -9.34 4.51
N GLU D 49 44.45 -9.29 4.52
CA GLU D 49 45.11 -8.52 5.57
C GLU D 49 44.75 -7.04 5.47
N HIS D 50 44.67 -6.52 4.24
CA HIS D 50 44.36 -5.12 4.05
C HIS D 50 42.92 -4.82 4.45
N THR D 51 41.99 -5.69 4.06
CA THR D 51 40.59 -5.49 4.43
C THR D 51 40.40 -5.60 5.94
N ARG D 52 41.04 -6.59 6.57
CA ARG D 52 40.89 -6.71 8.02
C ARG D 52 41.41 -5.47 8.73
N ALA D 53 42.54 -4.94 8.29
CA ALA D 53 43.08 -3.74 8.92
C ALA D 53 42.07 -2.59 8.84
N LEU D 54 41.47 -2.42 7.66
CA LEU D 54 40.52 -1.33 7.46
C LEU D 54 39.30 -1.52 8.35
N LEU D 55 38.77 -2.75 8.42
CA LEU D 55 37.58 -3.00 9.21
C LEU D 55 37.84 -2.77 10.70
N GLU D 56 38.92 -3.34 11.23
CA GLU D 56 39.19 -3.15 12.65
C GLU D 56 39.52 -1.69 12.97
N LYS D 57 40.26 -0.99 12.12
CA LYS D 57 40.58 0.41 12.41
C LYS D 57 39.31 1.26 12.49
N ASN D 58 38.34 0.97 11.63
CA ASN D 58 37.14 1.78 11.53
C ASN D 58 35.97 1.18 12.28
N GLU D 59 36.22 0.17 13.12
CA GLU D 59 35.23 -0.41 14.01
C GLU D 59 33.99 -0.89 13.24
N LEU D 60 34.22 -1.56 12.12
CA LEU D 60 33.15 -2.07 11.26
C LEU D 60 33.16 -3.59 11.28
N ARG D 61 31.98 -4.19 11.43
CA ARG D 61 31.85 -5.61 11.26
C ARG D 61 31.59 -5.91 9.77
N ALA D 62 31.74 -7.17 9.39
CA ALA D 62 31.56 -7.55 8.00
C ALA D 62 31.10 -8.98 7.85
N LEU D 63 30.44 -9.24 6.73
CA LEU D 63 30.20 -10.57 6.22
C LEU D 63 30.44 -10.51 4.72
N CYS D 64 30.50 -11.67 4.09
CA CYS D 64 30.72 -11.76 2.65
C CYS D 64 29.53 -12.44 1.99
N SER D 65 29.39 -12.23 0.69
CA SER D 65 28.37 -12.95 -0.07
C SER D 65 28.89 -13.18 -1.48
N LEU D 66 28.27 -14.13 -2.17
CA LEU D 66 28.72 -14.46 -3.51
C LEU D 66 27.59 -15.12 -4.29
N GLY D 67 27.85 -15.30 -5.58
CA GLY D 67 27.17 -16.31 -6.38
C GLY D 67 28.26 -17.19 -6.98
N LEU D 68 27.93 -18.47 -7.19
CA LEU D 68 28.92 -19.42 -7.74
C LEU D 68 29.10 -19.20 -9.24
N PRO D 69 30.35 -19.24 -9.73
CA PRO D 69 30.57 -19.21 -11.18
C PRO D 69 30.11 -20.52 -11.82
N GLU D 70 29.77 -20.46 -13.11
CA GLU D 70 29.15 -21.62 -13.78
C GLU D 70 30.01 -22.86 -13.65
N ARG D 71 31.33 -22.71 -13.75
CA ARG D 71 32.25 -23.84 -13.61
C ARG D 71 32.07 -24.57 -12.29
N ALA D 72 31.45 -23.93 -11.29
CA ALA D 72 31.32 -24.51 -9.97
C ALA D 72 29.88 -24.50 -9.45
N TRP D 73 28.90 -24.54 -10.34
CA TRP D 73 27.50 -24.54 -9.88
C TRP D 73 27.20 -25.84 -9.15
N ALA D 74 26.71 -25.72 -7.90
CA ALA D 74 26.55 -26.88 -7.03
C ALA D 74 25.58 -27.91 -7.57
N SER D 75 24.57 -27.48 -8.32
CA SER D 75 23.53 -28.37 -8.78
C SER D 75 24.01 -29.41 -9.78
N VAL D 76 25.14 -29.16 -10.45
CA VAL D 76 25.58 -29.98 -11.57
C VAL D 76 27.06 -30.32 -11.46
N ARG D 77 27.83 -29.47 -10.80
CA ARG D 77 29.26 -29.70 -10.57
C ARG D 77 29.56 -29.55 -9.08
N PRO D 78 29.05 -30.48 -8.26
CA PRO D 78 29.16 -30.30 -6.81
C PRO D 78 30.57 -30.40 -6.26
N ASP D 79 31.45 -31.20 -6.85
CA ASP D 79 32.81 -31.25 -6.33
C ASP D 79 33.52 -29.91 -6.54
N ALA D 80 33.33 -29.30 -7.71
CA ALA D 80 33.93 -27.98 -7.95
C ALA D 80 33.31 -26.93 -7.03
N ALA D 81 32.02 -27.06 -6.76
CA ALA D 81 31.37 -26.11 -5.87
C ALA D 81 31.94 -26.20 -4.46
N ILE D 82 32.15 -27.41 -3.96
CA ILE D 82 32.72 -27.56 -2.63
C ILE D 82 34.09 -26.91 -2.57
N GLU D 83 34.93 -27.17 -3.59
CA GLU D 83 36.27 -26.59 -3.57
C GLU D 83 36.23 -25.07 -3.59
N HIS D 84 35.34 -24.50 -4.41
CA HIS D 84 35.21 -23.05 -4.49
C HIS D 84 34.74 -22.45 -3.16
N LEU D 85 33.72 -23.06 -2.56
CA LEU D 85 33.19 -22.55 -1.30
C LEU D 85 34.22 -22.62 -0.19
N LYS D 86 35.06 -23.66 -0.19
CA LYS D 86 36.08 -23.74 0.85
C LYS D 86 37.05 -22.58 0.76
N VAL D 87 37.45 -22.21 -0.47
CA VAL D 87 38.34 -21.08 -0.63
C VAL D 87 37.64 -19.79 -0.22
N ALA D 88 36.37 -19.63 -0.62
CA ALA D 88 35.61 -18.43 -0.25
C ALA D 88 35.43 -18.33 1.26
N ILE D 89 35.18 -19.46 1.92
CA ILE D 89 35.04 -19.47 3.37
C ILE D 89 36.35 -19.06 4.04
N ASP D 90 37.46 -19.64 3.59
CA ASP D 90 38.75 -19.26 4.18
C ASP D 90 39.02 -17.76 4.05
N LYS D 91 38.78 -17.19 2.86
CA LYS D 91 39.05 -15.77 2.68
C LYS D 91 38.10 -14.90 3.52
N THR D 92 36.83 -15.28 3.58
CA THR D 92 35.89 -14.58 4.45
C THR D 92 36.39 -14.57 5.89
N ALA D 93 36.76 -15.74 6.40
CA ALA D 93 37.24 -15.83 7.76
C ALA D 93 38.52 -15.03 7.96
N ASP D 94 39.44 -15.11 6.99
CA ASP D 94 40.73 -14.41 7.10
C ASP D 94 40.55 -12.90 7.20
N LEU D 95 39.58 -12.34 6.48
CA LEU D 95 39.40 -10.90 6.58
C LEU D 95 38.56 -10.50 7.79
N GLY D 96 38.08 -11.45 8.59
CA GLY D 96 37.27 -11.10 9.75
C GLY D 96 35.77 -11.13 9.51
N GLY D 97 35.34 -11.60 8.35
CA GLY D 97 33.90 -11.73 8.09
C GLY D 97 33.26 -12.80 8.96
N GLU D 98 31.98 -12.59 9.30
CA GLU D 98 31.30 -13.47 10.25
C GLU D 98 30.40 -14.51 9.58
N ALA D 99 30.21 -14.43 8.26
CA ALA D 99 29.36 -15.36 7.56
C ALA D 99 29.67 -15.21 6.08
N LEU D 100 29.30 -16.25 5.32
CA LEU D 100 29.29 -16.20 3.86
C LEU D 100 27.88 -16.54 3.40
N SER D 101 27.23 -15.58 2.76
CA SER D 101 25.83 -15.72 2.37
C SER D 101 25.63 -15.44 0.89
N GLY D 102 24.37 -15.31 0.49
CA GLY D 102 24.02 -15.10 -0.90
C GLY D 102 23.64 -16.36 -1.63
N VAL D 103 23.97 -16.42 -2.92
CA VAL D 103 23.59 -17.55 -3.76
C VAL D 103 24.77 -18.53 -3.71
N ILE D 104 24.97 -19.12 -2.52
CA ILE D 104 26.10 -20.03 -2.31
C ILE D 104 25.84 -21.41 -2.86
N TYR D 105 24.63 -21.64 -3.39
CA TYR D 105 24.15 -22.92 -3.87
C TYR D 105 24.03 -22.96 -5.39
N GLY D 106 24.38 -21.88 -6.07
CA GLY D 106 24.24 -21.86 -7.52
C GLY D 106 24.66 -20.52 -8.07
N GLY D 107 24.25 -20.27 -9.29
CA GLY D 107 24.68 -19.10 -10.03
C GLY D 107 23.64 -17.99 -10.04
N ILE D 108 24.14 -16.78 -10.15
CA ILE D 108 23.32 -15.59 -10.39
C ILE D 108 23.14 -15.52 -11.90
N GLY D 109 21.94 -15.86 -12.37
CA GLY D 109 21.69 -16.14 -13.77
C GLY D 109 21.64 -17.63 -14.13
N GLU D 110 21.63 -18.53 -13.15
CA GLU D 110 21.54 -19.96 -13.43
C GLU D 110 20.10 -20.36 -13.78
N ARG D 111 19.97 -21.09 -14.89
CA ARG D 111 18.70 -21.60 -15.37
C ARG D 111 19.02 -22.82 -16.23
N THR D 112 18.30 -23.92 -16.04
CA THR D 112 18.37 -25.04 -16.96
C THR D 112 17.38 -24.92 -18.11
N GLY D 113 16.33 -24.13 -17.92
CA GLY D 113 15.22 -24.07 -18.81
C GLY D 113 14.03 -24.92 -18.40
N VAL D 114 14.17 -25.76 -17.38
CA VAL D 114 13.08 -26.56 -16.84
C VAL D 114 13.04 -26.44 -15.32
N PRO D 115 11.96 -26.85 -14.67
CA PRO D 115 11.89 -26.72 -13.21
C PRO D 115 12.99 -27.50 -12.52
N PRO D 116 13.33 -27.11 -11.30
CA PRO D 116 14.40 -27.80 -10.56
C PRO D 116 14.02 -29.24 -10.24
N THR D 117 15.05 -30.09 -10.17
CA THR D 117 14.88 -31.51 -9.94
C THR D 117 15.48 -31.94 -8.61
N GLU D 118 15.03 -33.11 -8.14
CA GLU D 118 15.60 -33.69 -6.94
C GLU D 118 17.09 -33.99 -7.07
N ALA D 119 17.54 -34.41 -8.25
CA ALA D 119 18.97 -34.66 -8.42
C ALA D 119 19.78 -33.39 -8.19
N GLU D 120 19.28 -32.26 -8.66
CA GLU D 120 19.95 -30.98 -8.41
C GLU D 120 19.95 -30.64 -6.93
N TYR D 121 18.81 -30.80 -6.25
CA TYR D 121 18.74 -30.47 -4.82
C TYR D 121 19.61 -31.40 -3.98
N ASP D 122 19.68 -32.67 -4.37
CA ASP D 122 20.56 -33.63 -3.69
C ASP D 122 22.01 -33.20 -3.80
N ASN D 123 22.45 -32.79 -4.99
CA ASN D 123 23.80 -32.24 -5.16
C ASN D 123 24.01 -31.01 -4.27
N ILE D 124 23.04 -30.09 -4.28
CA ILE D 124 23.21 -28.88 -3.48
C ILE D 124 23.33 -29.23 -2.01
N ALA D 125 22.52 -30.17 -1.53
CA ALA D 125 22.58 -30.56 -0.13
C ALA D 125 23.94 -31.11 0.25
N ARG D 126 24.52 -31.92 -0.64
CA ARG D 126 25.81 -32.50 -0.33
C ARG D 126 26.86 -31.40 -0.28
N VAL D 127 26.78 -30.46 -1.23
CA VAL D 127 27.71 -29.33 -1.25
C VAL D 127 27.59 -28.51 0.03
N LEU D 128 26.37 -28.16 0.42
CA LEU D 128 26.21 -27.28 1.58
C LEU D 128 26.58 -27.99 2.88
N SER D 129 26.34 -29.29 2.97
CA SER D 129 26.75 -30.03 4.15
C SER D 129 28.27 -29.96 4.33
N ALA D 130 29.01 -30.19 3.24
CA ALA D 130 30.47 -30.13 3.29
C ALA D 130 30.95 -28.71 3.54
N ALA D 131 30.36 -27.73 2.86
CA ALA D 131 30.73 -26.34 3.08
C ALA D 131 30.44 -25.91 4.51
N ALA D 132 29.32 -26.37 5.08
CA ALA D 132 28.97 -25.97 6.44
C ALA D 132 29.96 -26.55 7.45
N LYS D 133 30.46 -27.76 7.22
CA LYS D 133 31.50 -28.30 8.10
C LYS D 133 32.76 -27.44 8.03
N HIS D 134 33.16 -27.06 6.83
CA HIS D 134 34.33 -26.21 6.68
C HIS D 134 34.09 -24.86 7.34
N ALA D 135 32.91 -24.26 7.12
CA ALA D 135 32.59 -23.02 7.78
C ALA D 135 32.74 -23.14 9.30
N LYS D 136 32.23 -24.23 9.88
CA LYS D 136 32.34 -24.42 11.33
C LYS D 136 33.81 -24.43 11.77
N SER D 137 34.68 -25.06 10.97
CA SER D 137 36.09 -25.13 11.32
C SER D 137 36.75 -23.76 11.31
N ARG D 138 36.20 -22.79 10.57
CA ARG D 138 36.74 -21.43 10.56
C ARG D 138 35.91 -20.47 11.40
N GLY D 139 34.89 -20.96 12.09
CA GLY D 139 34.11 -20.14 13.00
C GLY D 139 33.15 -19.16 12.36
N ILE D 140 32.62 -19.47 11.17
CA ILE D 140 31.66 -18.60 10.52
C ILE D 140 30.42 -19.40 10.16
N GLU D 141 29.35 -18.68 9.89
CA GLU D 141 28.10 -19.28 9.45
C GLU D 141 27.96 -19.12 7.94
N LEU D 142 27.03 -19.89 7.37
CA LEU D 142 26.63 -19.79 5.97
C LEU D 142 25.19 -19.30 5.89
N GLY D 143 24.91 -18.48 4.89
CA GLY D 143 23.55 -18.02 4.61
C GLY D 143 23.13 -18.44 3.21
N VAL D 144 21.84 -18.79 3.08
CA VAL D 144 21.22 -19.16 1.81
C VAL D 144 20.21 -18.08 1.46
N GLU D 145 20.47 -17.31 0.39
CA GLU D 145 19.61 -16.22 -0.02
C GLU D 145 18.70 -16.69 -1.13
N ALA D 146 17.38 -16.55 -0.92
CA ALA D 146 16.41 -16.83 -1.96
C ALA D 146 16.41 -15.66 -2.96
N VAL D 147 16.50 -15.97 -4.26
CA VAL D 147 16.53 -14.95 -5.29
C VAL D 147 15.44 -15.26 -6.32
N ASN D 148 15.11 -14.29 -7.15
CA ASN D 148 13.94 -14.49 -8.01
C ASN D 148 14.22 -15.49 -9.15
N ARG D 149 13.10 -15.89 -9.78
CA ARG D 149 13.06 -16.93 -10.82
C ARG D 149 14.01 -16.67 -11.99
N TYR D 150 14.31 -15.40 -12.28
CA TYR D 150 15.20 -15.10 -13.40
C TYR D 150 16.68 -15.17 -13.03
N GLU D 151 17.02 -15.13 -11.75
CA GLU D 151 18.41 -15.26 -11.34
C GLU D 151 18.77 -16.68 -10.93
N ASN D 152 17.81 -17.49 -10.51
CA ASN D 152 18.14 -18.87 -10.18
C ASN D 152 16.83 -19.66 -10.20
N HIS D 153 16.90 -20.92 -10.61
CA HIS D 153 15.68 -21.71 -10.71
C HIS D 153 15.45 -22.63 -9.50
N LEU D 154 16.35 -22.63 -8.53
CA LEU D 154 16.33 -23.64 -7.46
C LEU D 154 15.73 -23.14 -6.15
N ILE D 155 16.06 -21.93 -5.72
CA ILE D 155 15.60 -21.40 -4.44
C ILE D 155 15.11 -19.97 -4.64
N ASN D 156 13.79 -19.79 -4.66
CA ASN D 156 13.21 -18.50 -4.97
C ASN D 156 12.39 -17.92 -3.82
N THR D 157 11.94 -18.73 -2.87
CA THR D 157 11.07 -18.27 -1.82
C THR D 157 11.66 -18.59 -0.45
N GLY D 158 11.14 -17.90 0.57
CA GLY D 158 11.49 -18.25 1.93
C GLY D 158 11.22 -19.71 2.23
N TRP D 159 10.11 -20.25 1.69
CA TRP D 159 9.76 -21.63 2.05
C TRP D 159 10.74 -22.61 1.40
N GLN D 160 11.17 -22.32 0.16
CA GLN D 160 12.16 -23.19 -0.47
C GLN D 160 13.49 -23.10 0.25
N ALA D 161 13.88 -21.90 0.69
CA ALA D 161 15.14 -21.75 1.42
C ALA D 161 15.10 -22.59 2.70
N VAL D 162 14.00 -22.53 3.45
CA VAL D 162 13.87 -23.31 4.68
C VAL D 162 13.93 -24.80 4.37
N GLN D 163 13.27 -25.21 3.28
CA GLN D 163 13.29 -26.62 2.90
C GLN D 163 14.73 -27.10 2.67
N MET D 164 15.56 -26.26 2.06
CA MET D 164 16.96 -26.65 1.87
C MET D 164 17.71 -26.70 3.19
N ILE D 165 17.50 -25.72 4.07
CA ILE D 165 18.17 -25.76 5.36
C ILE D 165 17.78 -27.05 6.09
N GLU D 166 16.52 -27.46 5.96
CA GLU D 166 16.07 -28.72 6.58
C GLU D 166 16.63 -29.94 5.87
N ARG D 167 16.73 -29.91 4.54
CA ARG D 167 17.29 -31.04 3.81
C ARG D 167 18.76 -31.28 4.19
N VAL D 168 19.52 -30.20 4.42
CA VAL D 168 20.94 -30.31 4.77
C VAL D 168 21.11 -30.78 6.21
N GLY D 169 20.31 -30.24 7.12
CA GLY D 169 20.37 -30.63 8.52
C GLY D 169 21.60 -30.17 9.26
N ALA D 170 22.21 -29.06 8.84
CA ALA D 170 23.30 -28.44 9.56
C ALA D 170 22.74 -27.56 10.66
N ASP D 171 23.63 -27.08 11.53
CA ASP D 171 23.23 -26.17 12.61
C ASP D 171 23.82 -24.78 12.44
N ASN D 172 24.46 -24.48 11.30
CA ASN D 172 25.12 -23.21 11.13
C ASN D 172 24.83 -22.60 9.75
N ILE D 173 23.68 -22.90 9.18
CA ILE D 173 23.20 -22.29 7.95
C ILE D 173 21.89 -21.56 8.25
N PHE D 174 21.83 -20.29 7.89
CA PHE D 174 20.64 -19.49 8.08
C PHE D 174 20.04 -19.09 6.75
N VAL D 175 18.82 -18.55 6.82
CA VAL D 175 18.09 -18.03 5.67
C VAL D 175 18.29 -16.53 5.57
N HIS D 176 18.50 -16.08 4.34
CA HIS D 176 18.77 -14.69 3.98
C HIS D 176 17.68 -14.33 2.98
N LEU D 177 16.86 -13.33 3.30
CA LEU D 177 15.81 -12.88 2.39
C LEU D 177 16.19 -11.54 1.80
N ASP D 178 15.51 -11.18 0.72
CA ASP D 178 15.81 -9.95 -0.02
C ASP D 178 14.49 -9.38 -0.54
N THR D 179 14.16 -8.16 -0.11
CA THR D 179 12.83 -7.61 -0.43
C THR D 179 12.62 -7.40 -1.93
N TYR D 180 13.70 -7.12 -2.69
CA TYR D 180 13.60 -7.03 -4.14
C TYR D 180 13.15 -8.36 -4.75
N HIS D 181 13.71 -9.45 -4.26
CA HIS D 181 13.32 -10.76 -4.76
C HIS D 181 11.94 -11.18 -4.24
N MET D 182 11.63 -10.90 -2.97
CA MET D 182 10.32 -11.25 -2.44
C MET D 182 9.20 -10.49 -3.13
N ASN D 183 9.51 -9.27 -3.58
CA ASN D 183 8.55 -8.45 -4.31
C ASN D 183 8.05 -9.16 -5.54
N ILE D 184 8.87 -10.01 -6.13
CA ILE D 184 8.46 -10.85 -7.27
C ILE D 184 7.91 -12.21 -6.80
N GLU D 185 8.57 -12.87 -5.87
CA GLU D 185 8.34 -14.29 -5.64
C GLU D 185 7.31 -14.60 -4.58
N GLU D 186 7.10 -13.72 -3.59
CA GLU D 186 6.27 -14.10 -2.45
C GLU D 186 4.85 -13.67 -2.69
N LYS D 187 3.91 -14.55 -2.33
CA LYS D 187 2.50 -14.29 -2.55
C LYS D 187 1.99 -13.45 -1.38
N GLY D 188 2.37 -12.17 -1.42
CA GLY D 188 2.31 -11.29 -0.26
C GLY D 188 3.64 -11.33 0.46
N VAL D 189 4.30 -10.17 0.55
CA VAL D 189 5.72 -10.18 0.93
C VAL D 189 5.90 -10.72 2.34
N GLY D 190 4.95 -10.41 3.24
CA GLY D 190 5.04 -10.92 4.60
C GLY D 190 5.13 -12.44 4.68
N ASN D 191 4.55 -13.14 3.71
CA ASN D 191 4.60 -14.60 3.74
C ASN D 191 6.04 -15.14 3.65
N GLY D 192 6.93 -14.48 2.92
CA GLY D 192 8.31 -14.95 2.90
C GLY D 192 8.96 -14.87 4.26
N ILE D 193 8.70 -13.77 4.97
CA ILE D 193 9.23 -13.58 6.31
C ILE D 193 8.64 -14.63 7.24
N LEU D 194 7.33 -14.85 7.15
CA LEU D 194 6.67 -15.80 8.03
C LEU D 194 7.21 -17.20 7.81
N ASP D 195 7.31 -17.60 6.54
CA ASP D 195 7.77 -18.94 6.19
C ASP D 195 9.21 -19.19 6.66
N ALA D 196 10.04 -18.14 6.70
CA ALA D 196 11.45 -18.28 7.03
C ALA D 196 11.75 -18.00 8.50
N ARG D 197 10.74 -17.72 9.33
CA ARG D 197 11.00 -17.03 10.60
C ARG D 197 11.99 -17.78 11.50
N GLU D 198 11.94 -19.13 11.55
CA GLU D 198 12.79 -19.85 12.49
C GLU D 198 14.27 -19.79 12.12
N HIS D 199 14.57 -19.39 10.87
CA HIS D 199 15.93 -19.43 10.36
C HIS D 199 16.40 -18.09 9.83
N LEU D 200 15.58 -17.07 9.90
CA LEU D 200 15.89 -15.79 9.27
C LEU D 200 16.83 -14.97 10.13
N LYS D 201 18.04 -14.73 9.63
CA LYS D 201 19.03 -13.95 10.35
C LYS D 201 19.53 -12.74 9.58
N TYR D 202 19.06 -12.52 8.36
CA TYR D 202 19.66 -11.48 7.54
C TYR D 202 18.68 -11.13 6.45
N ILE D 203 18.51 -9.83 6.18
CA ILE D 203 17.57 -9.43 5.14
C ILE D 203 18.14 -8.25 4.37
N HIS D 204 18.08 -8.36 3.05
CA HIS D 204 18.40 -7.26 2.15
C HIS D 204 17.15 -6.39 2.01
N LEU D 205 17.25 -5.16 2.49
CA LEU D 205 16.20 -4.16 2.34
C LEU D 205 16.50 -3.39 1.05
N SER D 206 16.08 -3.98 -0.06
CA SER D 206 16.42 -3.54 -1.41
C SER D 206 15.15 -3.14 -2.13
N GLU D 207 15.14 -1.97 -2.74
CA GLU D 207 13.92 -1.51 -3.41
C GLU D 207 13.66 -2.34 -4.67
N SER D 208 12.40 -2.26 -5.13
CA SER D 208 11.87 -3.09 -6.20
C SER D 208 12.61 -2.98 -7.52
N ASP D 209 13.22 -1.82 -7.81
CA ASP D 209 14.03 -1.60 -8.99
C ASP D 209 15.52 -1.49 -8.68
N ARG D 210 15.93 -1.95 -7.50
CA ARG D 210 17.28 -1.86 -6.92
C ARG D 210 17.71 -0.42 -6.61
N GLY D 211 16.78 0.53 -6.61
CA GLY D 211 17.08 1.92 -6.35
C GLY D 211 16.98 2.31 -4.89
N THR D 212 16.25 3.38 -4.61
CA THR D 212 16.24 3.95 -3.26
C THR D 212 15.11 3.36 -2.44
N PRO D 213 15.39 2.67 -1.34
CA PRO D 213 14.31 2.19 -0.47
C PRO D 213 13.37 3.32 -0.08
N GLY D 214 12.08 3.03 -0.22
CA GLY D 214 11.04 3.98 0.08
C GLY D 214 10.42 4.59 -1.16
N TYR D 215 11.03 4.38 -2.33
CA TYR D 215 10.64 5.01 -3.58
C TYR D 215 10.56 3.97 -4.70
N GLY D 216 9.83 2.89 -4.43
CA GLY D 216 9.55 1.86 -5.44
C GLY D 216 8.21 1.23 -5.17
N THR D 217 8.14 -0.09 -5.33
CA THR D 217 6.88 -0.81 -5.13
C THR D 217 6.92 -1.83 -3.99
N CYS D 218 8.00 -1.90 -3.21
CA CYS D 218 8.03 -2.80 -2.07
C CYS D 218 7.07 -2.35 -1.00
N GLY D 219 6.44 -3.31 -0.32
CA GLY D 219 5.46 -3.01 0.72
C GLY D 219 6.12 -2.83 2.07
N TRP D 220 6.75 -1.67 2.28
CA TRP D 220 7.65 -1.54 3.43
C TRP D 220 6.93 -1.68 4.76
N ASP D 221 5.71 -1.14 4.89
CA ASP D 221 5.03 -1.23 6.19
C ASP D 221 4.71 -2.67 6.54
N GLU D 222 4.27 -3.46 5.55
CA GLU D 222 4.07 -4.89 5.77
C GLU D 222 5.37 -5.58 6.14
N ILE D 223 6.45 -5.25 5.43
CA ILE D 223 7.75 -5.85 5.74
C ILE D 223 8.17 -5.56 7.17
N PHE D 224 8.16 -4.28 7.57
CA PHE D 224 8.67 -3.94 8.90
C PHE D 224 7.74 -4.43 10.01
N SER D 225 6.42 -4.38 9.79
CA SER D 225 5.50 -4.90 10.80
C SER D 225 5.73 -6.39 11.02
N THR D 226 5.95 -7.13 9.93
CA THR D 226 6.10 -8.58 10.05
C THR D 226 7.45 -8.92 10.68
N LEU D 227 8.51 -8.19 10.32
CA LEU D 227 9.79 -8.38 11.00
C LEU D 227 9.66 -8.14 12.50
N ALA D 228 8.97 -7.08 12.89
CA ALA D 228 8.78 -6.82 14.31
C ALA D 228 7.99 -7.94 14.97
N ALA D 229 6.96 -8.44 14.27
CA ALA D 229 6.11 -9.48 14.83
C ALA D 229 6.87 -10.77 15.09
N ILE D 230 7.80 -11.13 14.21
CA ILE D 230 8.55 -12.38 14.39
C ILE D 230 9.76 -12.19 15.30
N GLY D 231 9.98 -11.00 15.82
CA GLY D 231 11.08 -10.71 16.69
C GLY D 231 12.42 -10.71 15.98
N PHE D 232 12.48 -10.19 14.76
CA PHE D 232 13.73 -10.19 14.02
C PHE D 232 14.82 -9.38 14.72
N LYS D 233 16.00 -9.96 14.83
CA LYS D 233 17.10 -9.28 15.50
C LYS D 233 18.42 -9.46 14.75
N GLY D 234 18.37 -9.82 13.48
CA GLY D 234 19.55 -10.00 12.65
C GLY D 234 19.96 -8.75 11.89
N GLY D 235 20.68 -8.95 10.78
CA GLY D 235 21.19 -7.82 10.03
C GLY D 235 20.13 -7.25 9.09
N LEU D 236 20.09 -5.93 9.02
CA LEU D 236 19.28 -5.16 8.08
C LEU D 236 20.24 -4.47 7.12
N ALA D 237 20.30 -4.94 5.88
CA ALA D 237 21.32 -4.47 4.95
C ALA D 237 20.75 -3.90 3.67
N MET D 238 21.27 -2.76 3.26
CA MET D 238 20.91 -2.17 1.98
C MET D 238 21.64 -2.83 0.83
N GLU D 239 20.99 -2.84 -0.34
CA GLU D 239 21.58 -3.39 -1.55
C GLU D 239 21.04 -2.59 -2.72
N SER D 240 21.90 -1.76 -3.30
CA SER D 240 21.56 -0.93 -4.44
C SER D 240 22.74 -0.92 -5.38
N PHE D 241 22.53 -1.26 -6.66
CA PHE D 241 23.66 -1.45 -7.57
C PHE D 241 24.04 -0.15 -8.26
N ILE D 242 24.54 0.78 -7.43
CA ILE D 242 25.17 1.98 -7.97
C ILE D 242 26.38 1.59 -8.81
N ASN D 243 27.10 0.57 -8.36
CA ASN D 243 28.20 -0.05 -9.09
C ASN D 243 27.81 -1.50 -9.24
N MET D 244 28.31 -2.11 -10.31
CA MET D 244 27.96 -3.48 -10.63
C MET D 244 29.22 -4.34 -10.66
N PRO D 245 29.38 -5.33 -9.78
CA PRO D 245 30.53 -6.25 -9.89
C PRO D 245 30.48 -6.99 -11.21
N PRO D 246 31.56 -7.01 -11.97
CA PRO D 246 31.43 -7.51 -13.36
C PRO D 246 31.08 -8.98 -13.45
N GLU D 247 31.52 -9.81 -12.51
CA GLU D 247 31.29 -11.23 -12.64
C GLU D 247 29.82 -11.62 -12.46
N VAL D 248 28.97 -10.72 -11.95
CA VAL D 248 27.55 -11.02 -11.79
C VAL D 248 26.64 -10.06 -12.56
N ALA D 249 27.21 -9.15 -13.36
CA ALA D 249 26.39 -8.14 -14.02
C ALA D 249 25.37 -8.76 -14.97
N TYR D 250 25.78 -9.79 -15.70
CA TYR D 250 24.84 -10.37 -16.66
C TYR D 250 23.62 -10.93 -15.97
N GLY D 251 23.80 -11.52 -14.78
CA GLY D 251 22.68 -12.11 -14.07
C GLY D 251 21.83 -11.11 -13.31
N LEU D 252 22.41 -9.99 -12.88
CA LEU D 252 21.70 -9.01 -12.07
C LEU D 252 20.85 -8.04 -12.89
N ALA D 253 21.19 -7.84 -14.16
CA ALA D 253 20.34 -7.19 -15.16
C ALA D 253 20.06 -5.72 -14.84
N VAL D 254 21.10 -4.98 -14.48
CA VAL D 254 21.00 -3.53 -14.24
C VAL D 254 21.48 -2.85 -15.53
N TRP D 255 20.54 -2.45 -16.38
CA TRP D 255 20.83 -1.97 -17.73
C TRP D 255 20.77 -0.46 -17.81
N ARG D 256 20.46 0.19 -16.70
CA ARG D 256 20.25 1.62 -16.61
C ARG D 256 20.42 1.99 -15.16
N PRO D 257 20.77 3.23 -14.87
CA PRO D 257 21.05 3.61 -13.47
C PRO D 257 19.85 3.37 -12.56
N VAL D 258 20.14 2.78 -11.41
CA VAL D 258 19.09 2.56 -10.41
C VAL D 258 18.73 3.84 -9.64
N ALA D 259 19.59 4.86 -9.69
CA ALA D 259 19.47 6.11 -8.95
C ALA D 259 20.60 6.99 -9.45
N LYS D 260 20.58 8.25 -9.04
CA LYS D 260 21.61 9.17 -9.53
C LYS D 260 23.01 8.77 -9.04
N ASP D 261 23.15 8.51 -7.75
CA ASP D 261 24.47 8.22 -7.20
C ASP D 261 24.25 7.67 -5.80
N GLU D 262 25.36 7.26 -5.16
CA GLU D 262 25.27 6.72 -3.80
C GLU D 262 24.76 7.77 -2.81
N GLU D 263 25.10 9.05 -3.02
CA GLU D 263 24.63 10.09 -2.12
C GLU D 263 23.09 10.10 -2.04
N GLU D 264 22.42 9.89 -3.17
CA GLU D 264 20.96 9.87 -3.19
C GLU D 264 20.41 8.64 -2.48
N VAL D 265 20.93 7.46 -2.81
CA VAL D 265 20.40 6.25 -2.19
C VAL D 265 20.67 6.25 -0.69
N MET D 266 21.90 6.59 -0.29
CA MET D 266 22.21 6.59 1.13
C MET D 266 21.57 7.77 1.85
N GLY D 267 21.47 8.93 1.19
CA GLY D 267 20.91 10.11 1.83
C GLY D 267 19.41 10.02 2.05
N ASN D 268 18.69 9.34 1.17
CA ASN D 268 17.24 9.21 1.29
C ASN D 268 16.79 7.83 1.76
N GLY D 269 17.48 6.79 1.32
CA GLY D 269 17.07 5.43 1.63
C GLY D 269 17.39 4.98 3.02
N LEU D 270 18.59 5.26 3.50
CA LEU D 270 18.94 4.76 4.82
C LEU D 270 18.12 5.44 5.91
N PRO D 271 17.89 6.76 5.86
CA PRO D 271 17.00 7.37 6.86
C PRO D 271 15.59 6.79 6.83
N PHE D 272 15.06 6.53 5.63
CA PHE D 272 13.76 5.89 5.53
C PHE D 272 13.73 4.55 6.28
N LEU D 273 14.73 3.70 6.04
CA LEU D 273 14.74 2.38 6.65
C LEU D 273 14.98 2.47 8.17
N ARG D 274 15.89 3.35 8.60
CA ARG D 274 16.09 3.52 10.03
C ARG D 274 14.83 4.05 10.70
N ASN D 275 14.12 4.96 10.03
CA ASN D 275 12.91 5.52 10.61
C ASN D 275 11.81 4.47 10.66
N LYS D 276 11.71 3.61 9.64
CA LYS D 276 10.73 2.54 9.69
C LYS D 276 11.07 1.52 10.78
N ALA D 277 12.36 1.21 10.96
CA ALA D 277 12.72 0.27 12.02
C ALA D 277 12.35 0.83 13.39
N LYS D 278 12.52 2.13 13.58
CA LYS D 278 12.11 2.77 14.83
C LYS D 278 10.60 2.75 14.98
N GLN D 279 9.90 3.08 13.89
CA GLN D 279 8.43 3.15 13.93
C GLN D 279 7.80 1.85 14.39
N TYR D 280 8.29 0.71 13.90
CA TYR D 280 7.74 -0.59 14.24
C TYR D 280 8.50 -1.29 15.36
N GLY D 281 9.45 -0.59 15.99
CA GLY D 281 10.05 -1.05 17.22
C GLY D 281 11.00 -2.21 17.09
N LEU D 282 11.70 -2.31 15.96
CA LEU D 282 12.55 -3.48 15.72
C LEU D 282 13.62 -3.57 16.80
N ILE D 283 13.87 -4.80 17.27
CA ILE D 283 14.91 -5.04 18.27
C ILE D 283 16.25 -4.45 17.80
C1 SDD E . 5.74 -11.47 -21.28
O1 SDD E . 6.46 -11.25 -20.12
C2 SDD E . 4.42 -10.68 -21.32
O2 SDD E . 4.05 -10.07 -20.34
C3 SDD E . 3.63 -10.69 -22.65
O3 SDD E . 2.35 -10.16 -22.47
C4 SDD E . 3.58 -12.14 -23.17
O4 SDD E . 2.70 -12.82 -22.31
C5 SDD E . 3.24 -12.32 -24.67
O5 SDD E . 2.81 -11.13 -25.28
C6 SDD E . 2.24 -13.47 -24.87
O6 SDD E . 1.46 -13.35 -26.05
H11 SDD E . 5.51 -12.53 -21.35
H12 SDD E . 6.34 -11.18 -22.13
HO1 SDD E . 6.77 -12.07 -19.77
H3 SDD E . 4.13 -10.06 -23.38
HO3 SDD E . 2.07 -9.69 -23.26
H4 SDD E . 4.58 -12.56 -23.14
HO4 SDD E . 3.13 -13.58 -21.94
H5 SDD E . 4.16 -12.58 -25.18
HO5 SDD E . 3.27 -11.02 -26.09
H61 SDD E . 2.80 -14.41 -24.92
H62 SDD E . 1.58 -13.50 -24.02
HO6 SDD E . 0.97 -14.14 -26.21
CAG HVC F . -5.69 7.23 -23.54
CAH HVC F . -4.64 8.25 -23.10
CAI HVC F . -5.40 6.77 -24.97
CAJ HVC F . -5.11 7.95 -25.90
CAK HVC F . -4.15 8.97 -25.30
CAL HVC F . -5.12 8.82 -21.77
OAA HVC F . -4.52 9.31 -24.00
OAB HVC F . -5.58 6.16 -22.63
OAC HVC F . -3.44 7.54 -22.95
OAD HVC F . -6.51 6.03 -25.42
OAE HVC F . -4.47 7.44 -27.05
OAF HVC F . -6.13 9.74 -22.09
HAG1 HVC F . -6.69 7.65 -23.54
HAI1 HVC F . -4.50 6.15 -24.96
HAJ1 HVC F . -6.06 8.43 -26.10
HAK1 HVC F . -3.15 8.55 -25.27
HAK2 HVC F . -4.16 9.86 -25.91
HAL2 HVC F . -5.52 8.04 -21.14
HAL1 HVC F . -4.31 9.33 -21.26
HAB1 HVC F . -5.62 5.33 -23.09
HAC1 HVC F . -3.48 7.02 -22.14
HAD1 HVC F . -6.36 5.75 -26.31
HAE1 HVC F . -4.89 7.79 -27.83
HAF1 HVC F . -6.13 10.46 -21.48
MG MG G . 2.13 -9.06 -20.37
C1 SDD H . -9.18 20.51 10.54
O1 SDD H . -9.45 19.16 10.73
C2 SDD H . -8.31 20.79 9.31
O2 SDD H . -7.80 19.89 8.67
C3 SDD H . -8.10 22.29 8.93
O3 SDD H . -7.06 22.40 8.01
C4 SDD H . -7.77 23.10 10.20
O4 SDD H . -6.43 22.80 10.55
C5 SDD H . -8.02 24.63 10.10
O5 SDD H . -8.38 25.05 8.81
C6 SDD H . -6.78 25.38 10.65
O6 SDD H . -6.75 26.75 10.28
H11 SDD H . -10.12 21.04 10.42
H12 SDD H . -8.66 20.88 11.42
HO1 SDD H . -9.44 18.96 11.65
H3 SDD H . -9.02 22.67 8.50
HO3 SDD H . -7.28 23.04 7.35
H4 SDD H . -8.47 22.81 10.98
HO4 SDD H . -6.40 22.42 11.41
H5 SDD H . -8.87 24.88 10.73
HO5 SDD H . -9.11 25.65 8.87
H61 SDD H . -5.89 24.90 10.24
H62 SDD H . -6.78 25.31 11.73
HO6 SDD H . -6.01 27.18 10.71
MG MG I . -6.43 20.33 7.08
C1 SDD J . -17.75 1.70 17.27
O1 SDD J . -16.90 2.68 16.82
C2 SDD J . -17.20 0.31 17.05
O2 SDD J . -16.44 0.00 16.17
C3 SDD J . -17.69 -0.72 18.02
O3 SDD J . -17.61 -2.01 17.50
C4 SDD J . -19.13 -0.41 18.47
O4 SDD J . -19.99 -1.24 17.73
C5 SDD J . -19.24 -0.69 19.95
O5 SDD J . -18.01 -1.13 20.45
C6 SDD J . -20.31 -1.76 20.03
O6 SDD J . -21.34 -1.28 19.21
H11 SDD J . -17.91 1.85 18.33
H12 SDD J . -18.69 1.79 16.74
HO1 SDD J . -17.38 3.28 16.28
H3 SDD J . -17.05 -0.68 18.90
HO3 SDD J . -16.70 -2.22 17.32
H4 SDD J . -19.40 0.63 18.31
HO4 SDD J . -20.33 -0.74 16.99
H5 SDD J . -19.48 0.17 20.55
HO5 SDD J . -18.10 -1.26 21.38
H61 SDD J . -20.66 -1.88 21.05
H62 SDD J . -19.94 -2.71 19.65
HO6 SDD J . -22.16 -1.66 19.47
CAG HVC K . -41.56 -15.24 15.44
CAH HVC K . -40.40 -15.48 14.45
CAI HVC K . -41.99 -13.77 15.35
CAJ HVC K . -40.80 -12.85 15.54
CAK HVC K . -39.72 -13.21 14.51
CAL HVC K . -39.85 -16.90 14.59
OAA HVC K . -39.36 -14.54 14.69
OAB HVC K . -42.64 -16.07 15.09
OAC HVC K . -40.90 -15.30 13.14
OAD HVC K . -42.95 -13.49 16.36
OAE HVC K . -41.18 -11.51 15.36
OAF HVC K . -39.06 -17.03 15.75
HAG1 HVC K . -41.23 -15.47 16.44
HAI1 HVC K . -42.44 -13.61 14.38
HAJ1 HVC K . -40.40 -12.98 16.54
HAK1 HVC K . -38.86 -12.57 14.64
HAK2 HVC K . -40.12 -13.07 13.51
HAL2 HVC K . -39.25 -17.13 13.72
HAL1 HVC K . -40.68 -17.59 14.65
HAB1 HVC K . -43.00 -16.46 15.87
HAC1 HVC K . -40.37 -15.80 12.54
HAD1 HVC K . -42.58 -12.86 16.95
HAE1 HVC K . -40.41 -10.98 15.20
HAF1 HVC K . -39.34 -17.77 16.26
MG MG L . -15.80 -1.92 15.96
CAG HVC M . 46.72 1.70 0.72
CAH HVC M . 45.46 2.34 1.28
CAI HVC M . 46.61 1.56 -0.82
CAJ HVC M . 45.34 0.80 -1.20
CAK HVC M . 44.15 1.53 -0.56
CAL HVC M . 45.48 2.37 2.80
OAA HVC M . 44.33 1.59 0.83
OAB HVC M . 47.79 2.53 1.03
OAC HVC M . 45.39 3.67 0.85
OAD HVC M . 47.72 0.88 -1.32
OAE HVC M . 45.22 0.80 -2.60
OAF HVC M . 45.28 1.09 3.33
HAG1 HVC M . 46.85 0.71 1.13
HAI1 HVC M . 46.56 2.56 -1.24
HAJ1 HVC M . 45.37 -0.22 -0.85
HAK1 HVC M . 44.08 2.54 -0.96
HAK2 HVC M . 43.23 0.99 -0.78
HAL2 HVC M . 46.45 2.75 3.13
HAL1 HVC M . 44.70 3.03 3.16
HAB1 HVC M . 48.26 2.17 1.76
HAC1 HVC M . 45.50 3.72 -0.09
HAD1 HVC M . 48.49 1.42 -1.21
HAE1 HVC M . 44.33 1.03 -2.84
HAF1 HVC M . 45.80 0.99 4.11
C1 SDD N . 21.57 -11.07 -6.10
O1 SDD N . 20.32 -10.99 -6.70
C2 SDD N . 21.42 -10.74 -4.65
O2 SDD N . 20.45 -10.12 -4.26
C3 SDD N . 22.58 -11.17 -3.74
O3 SDD N . 22.38 -10.51 -2.53
C4 SDD N . 23.93 -10.88 -4.42
O4 SDD N . 23.93 -9.53 -4.81
C5 SDD N . 25.17 -11.15 -3.54
O5 SDD N . 25.14 -10.29 -2.43
C6 SDD N . 26.49 -10.91 -4.28
O6 SDD N . 27.46 -10.19 -3.50
H11 SDD N . 21.97 -12.08 -6.22
H12 SDD N . 22.25 -10.37 -6.58
HO1 SDD N . 20.04 -11.86 -6.96
H3 SDD N . 22.61 -12.22 -3.55
HO3 SDD N . 22.49 -11.12 -1.82
H4 SDD N . 24.01 -11.56 -5.26
HO4 SDD N . 24.24 -9.47 -5.70
H5 SDD N . 25.13 -12.19 -3.25
HO5 SDD N . 24.76 -10.75 -1.70
H61 SDD N . 26.28 -10.34 -5.18
H62 SDD N . 26.91 -11.87 -4.56
HO6 SDD N . 28.31 -10.28 -3.87
MG MG O . 20.25 -9.60 -2.21
#